data_8SHW
#
_entry.id   8SHW
#
_cell.length_a   128.021
_cell.length_b   91.784
_cell.length_c   82.946
_cell.angle_alpha   90.000
_cell.angle_beta   93.220
_cell.angle_gamma   90.000
#
_symmetry.space_group_name_H-M   'C 1 2 1'
#
loop_
_entity.id
_entity.type
_entity.pdbx_description
1 polymer '38B7 light chain'
2 polymer '38B7 heavy chain'
3 polymer Conglutin-7
4 branched alpha-D-mannopyranose-(1-6)-beta-D-mannopyranose-(1-4)-2-acetamido-2-deoxy-beta-D-glucopyranose-(1-4)-2-acetamido-2-deoxy-beta-D-glucopyranose
5 non-polymer 2-acetamido-2-deoxy-beta-D-glucopyranose
6 water water
#
loop_
_entity_poly.entity_id
_entity_poly.type
_entity_poly.pdbx_seq_one_letter_code
_entity_poly.pdbx_strand_id
1 'polypeptide(L)'
;EIVLTQSPATLSLSPGARATLSCRASQSVDTYLAWYQQRRGQSPRLLIYDASKRATGIPARFSGSGSGTDFTLTISSLEP
EDFAVYYCQQRNNWRTWTFGQGTKVEINRTVAAPSVFIFPPSDEQLKSGTASVVCLLNNFYPREAKVQWKVDNALQSGNS
QESVTEQDSKDSTYSLSSTLTLSKADYEKHKVYACEVTHQGLSSPVTKSFNRGEC
;
L,A
2 'polypeptide(L)'
;QVQLVESGGGVVQPGRSLRLSCVGSGFTFRRDAKYWVRQAPGKGLEWVAAISHDGGEEDYAESVKGRFTISRDNSRETVY
LEMNSLRPEDTAVYYCATTRSGWYFDYWGQGALVTVSSASTKGPSVFPLAPSSKSTSGGTAALGCLVKDYFPEPVTVSWN
SGALTSGVHTFPAVLQSSGLYSLSSVVTVPSSSLGTQTYICNVNHKPSNTKVDKKVEPKSC
;
H,C
3 'polypeptide(L)' EDSYERDPYS(HYP)SQD Q,B
#
# COMPACT_ATOMS: atom_id res chain seq x y z
N GLU A 1 -18.61 37.98 19.83
CA GLU A 1 -18.34 36.66 19.26
C GLU A 1 -19.52 36.17 18.44
N ILE A 2 -19.23 35.29 17.48
CA ILE A 2 -20.26 34.68 16.64
C ILE A 2 -20.00 33.19 16.61
N VAL A 3 -21.05 32.39 16.85
CA VAL A 3 -20.96 30.94 16.88
C VAL A 3 -21.76 30.38 15.71
N LEU A 4 -21.12 29.51 14.93
CA LEU A 4 -21.80 28.75 13.89
C LEU A 4 -22.12 27.36 14.40
N THR A 5 -23.35 26.90 14.12
CA THR A 5 -23.75 25.53 14.41
C THR A 5 -24.40 24.93 13.18
N GLN A 6 -24.21 23.63 12.98
CA GLN A 6 -24.65 22.96 11.76
C GLN A 6 -25.62 21.84 12.08
N SER A 7 -26.47 21.53 11.09
CA SER A 7 -27.51 20.53 11.26
C SER A 7 -27.75 19.82 9.93
N PRO A 8 -27.96 18.49 9.96
CA PRO A 8 -27.91 17.60 11.12
C PRO A 8 -26.46 17.19 11.39
N ALA A 9 -26.21 16.40 12.43
CA ALA A 9 -24.88 15.83 12.60
C ALA A 9 -24.56 14.86 11.47
N THR A 10 -25.49 13.98 11.15
CA THR A 10 -25.34 13.01 10.08
C THR A 10 -26.55 13.11 9.16
N LEU A 11 -26.29 13.26 7.87
CA LEU A 11 -27.34 13.27 6.84
C LEU A 11 -27.19 11.97 6.06
N SER A 12 -28.18 11.08 6.18
CA SER A 12 -28.13 9.74 5.60
C SER A 12 -28.99 9.72 4.34
N LEU A 13 -28.35 9.59 3.17
CA LEU A 13 -29.05 9.69 1.90
C LEU A 13 -28.51 8.67 0.92
N SER A 14 -29.33 8.36 -0.10
CA SER A 14 -28.93 7.46 -1.16
C SER A 14 -28.15 8.22 -2.24
N PRO A 15 -27.29 7.54 -2.98
CA PRO A 15 -26.64 8.19 -4.12
C PRO A 15 -27.68 8.74 -5.10
N GLY A 16 -27.37 9.91 -5.66
CA GLY A 16 -28.29 10.57 -6.58
C GLY A 16 -29.40 11.36 -5.94
N ALA A 17 -29.50 11.36 -4.61
CA ALA A 17 -30.56 12.10 -3.93
C ALA A 17 -30.13 13.55 -3.72
N ARG A 18 -31.13 14.39 -3.43
CA ARG A 18 -30.88 15.80 -3.08
C ARG A 18 -30.55 15.91 -1.60
N ALA A 19 -29.48 16.64 -1.29
CA ALA A 19 -29.02 16.82 0.08
C ALA A 19 -29.19 18.29 0.47
N THR A 20 -29.74 18.52 1.66
CA THR A 20 -29.94 19.87 2.20
C THR A 20 -29.26 19.95 3.57
N LEU A 21 -28.22 20.78 3.67
CA LEU A 21 -27.44 20.97 4.89
C LEU A 21 -27.66 22.38 5.41
N SER A 22 -27.71 22.52 6.74
CA SER A 22 -28.02 23.80 7.36
C SER A 22 -26.85 24.32 8.18
N CYS A 23 -26.75 25.64 8.25
CA CYS A 23 -25.78 26.32 9.09
C CYS A 23 -26.48 27.51 9.74
N ARG A 24 -26.22 27.71 11.03
CA ARG A 24 -26.86 28.77 11.81
C ARG A 24 -25.78 29.63 12.45
N ALA A 25 -25.95 30.94 12.38
CA ALA A 25 -25.07 31.89 13.06
C ALA A 25 -25.81 32.47 14.26
N SER A 26 -25.08 32.66 15.36
CA SER A 26 -25.71 33.16 16.58
C SER A 26 -26.16 34.60 16.44
N GLN A 27 -25.52 35.36 15.54
CA GLN A 27 -25.95 36.70 15.16
C GLN A 27 -25.85 36.79 13.65
N SER A 28 -26.48 37.82 13.08
CA SER A 28 -26.46 38.00 11.64
C SER A 28 -25.04 38.17 11.13
N VAL A 29 -24.71 37.44 10.07
CA VAL A 29 -23.43 37.60 9.37
C VAL A 29 -23.64 38.10 7.94
N ASP A 30 -24.81 38.71 7.67
CA ASP A 30 -25.18 39.19 6.34
C ASP A 30 -25.10 38.01 5.39
N THR A 31 -24.32 38.08 4.31
CA THR A 31 -24.08 36.94 3.43
C THR A 31 -22.61 36.53 3.44
N TYR A 32 -21.87 36.86 4.49
CA TYR A 32 -20.45 36.50 4.59
C TYR A 32 -20.35 35.10 5.21
N LEU A 33 -20.58 34.10 4.37
CA LEU A 33 -20.51 32.71 4.81
C LEU A 33 -19.93 31.85 3.70
N ALA A 34 -19.10 30.88 4.09
CA ALA A 34 -18.49 29.95 3.15
C ALA A 34 -18.79 28.52 3.57
N TRP A 35 -18.80 27.63 2.59
CA TRP A 35 -18.97 26.20 2.80
C TRP A 35 -17.75 25.45 2.29
N TYR A 36 -17.32 24.43 3.03
CA TYR A 36 -16.18 23.62 2.66
C TYR A 36 -16.56 22.14 2.67
N GLN A 37 -15.93 21.39 1.78
CA GLN A 37 -16.08 19.94 1.70
C GLN A 37 -14.75 19.30 2.08
N GLN A 38 -14.80 18.28 2.94
CA GLN A 38 -13.61 17.51 3.29
C GLN A 38 -13.92 16.04 3.08
N ARG A 39 -13.40 15.48 2.00
CA ARG A 39 -13.50 14.04 1.77
C ARG A 39 -12.54 13.30 2.68
N ARG A 40 -12.84 12.02 2.92
CA ARG A 40 -12.03 11.23 3.85
C ARG A 40 -10.57 11.21 3.43
N GLY A 41 -9.69 11.58 4.37
CA GLY A 41 -8.27 11.57 4.10
C GLY A 41 -7.77 12.64 3.17
N GLN A 42 -8.57 13.70 2.93
CA GLN A 42 -8.19 14.76 2.02
CA GLN A 42 -8.18 14.76 2.02
C GLN A 42 -8.31 16.10 2.73
N SER A 43 -7.65 17.11 2.16
CA SER A 43 -7.75 18.46 2.69
C SER A 43 -9.15 19.02 2.43
N PRO A 44 -9.61 19.96 3.24
CA PRO A 44 -10.84 20.67 2.92
C PRO A 44 -10.66 21.47 1.64
N ARG A 45 -11.77 21.73 0.95
CA ARG A 45 -11.76 22.59 -0.23
C ARG A 45 -12.97 23.50 -0.20
N LEU A 46 -12.78 24.71 -0.73
CA LEU A 46 -13.85 25.70 -0.74
C LEU A 46 -14.89 25.34 -1.80
N LEU A 47 -16.16 25.33 -1.40
CA LEU A 47 -17.29 25.07 -2.30
C LEU A 47 -18.03 26.35 -2.65
N ILE A 48 -18.52 27.06 -1.62
CA ILE A 48 -19.36 28.23 -1.78
C ILE A 48 -18.80 29.35 -0.91
N TYR A 49 -18.85 30.58 -1.42
CA TYR A 49 -18.47 31.74 -0.63
C TYR A 49 -19.47 32.85 -0.87
N ASP A 50 -19.47 33.83 0.03
CA ASP A 50 -20.48 34.89 0.03
C ASP A 50 -21.89 34.30 -0.01
N ALA A 51 -22.07 33.19 0.71
CA ALA A 51 -23.34 32.49 0.90
C ALA A 51 -23.83 31.73 -0.34
N SER A 52 -23.58 32.27 -1.55
CA SER A 52 -24.22 31.69 -2.73
C SER A 52 -23.31 31.62 -3.97
N LYS A 53 -22.08 32.10 -3.91
CA LYS A 53 -21.19 32.08 -5.07
C LYS A 53 -20.37 30.80 -5.06
N ARG A 54 -20.37 30.08 -6.18
CA ARG A 54 -19.55 28.88 -6.34
C ARG A 54 -18.10 29.25 -6.57
N ALA A 55 -17.20 28.54 -5.88
CA ALA A 55 -15.78 28.68 -6.15
C ALA A 55 -15.45 28.14 -7.54
N THR A 56 -14.31 28.59 -8.08
CA THR A 56 -13.92 28.17 -9.42
C THR A 56 -13.69 26.67 -9.47
N GLY A 57 -14.21 26.03 -10.53
CA GLY A 57 -14.07 24.61 -10.71
C GLY A 57 -15.07 23.75 -9.97
N ILE A 58 -15.90 24.35 -9.12
CA ILE A 58 -16.85 23.57 -8.32
C ILE A 58 -18.07 23.23 -9.17
N PRO A 59 -18.52 21.97 -9.19
CA PRO A 59 -19.63 21.59 -10.08
C PRO A 59 -20.93 22.29 -9.73
N ALA A 60 -21.78 22.45 -10.75
CA ALA A 60 -23.02 23.21 -10.62
C ALA A 60 -24.02 22.57 -9.67
N ARG A 61 -23.83 21.31 -9.28
CA ARG A 61 -24.78 20.66 -8.38
C ARG A 61 -24.68 21.22 -6.95
N PHE A 62 -23.61 21.94 -6.63
CA PHE A 62 -23.50 22.61 -5.34
C PHE A 62 -24.07 24.02 -5.46
N SER A 63 -25.00 24.35 -4.55
CA SER A 63 -25.55 25.70 -4.50
C SER A 63 -25.74 26.10 -3.04
N GLY A 64 -25.62 27.40 -2.79
CA GLY A 64 -25.81 27.92 -1.45
C GLY A 64 -26.85 29.03 -1.44
N SER A 65 -27.54 29.14 -0.31
CA SER A 65 -28.56 30.17 -0.14
C SER A 65 -28.65 30.54 1.34
N GLY A 66 -29.35 31.63 1.60
CA GLY A 66 -29.55 32.11 2.95
C GLY A 66 -28.87 33.45 3.19
N SER A 67 -29.24 34.05 4.32
CA SER A 67 -28.72 35.35 4.74
C SER A 67 -29.08 35.52 6.21
N GLY A 68 -28.45 36.51 6.84
CA GLY A 68 -28.69 36.75 8.25
C GLY A 68 -28.15 35.65 9.14
N THR A 69 -29.05 34.80 9.65
CA THR A 69 -28.66 33.77 10.61
C THR A 69 -28.82 32.35 10.09
N ASP A 70 -29.55 32.12 9.00
CA ASP A 70 -29.86 30.78 8.52
C ASP A 70 -29.36 30.61 7.10
N PHE A 71 -28.59 29.55 6.87
CA PHE A 71 -27.99 29.29 5.58
C PHE A 71 -28.15 27.82 5.23
N THR A 72 -28.19 27.53 3.93
CA THR A 72 -28.32 26.15 3.46
C THR A 72 -27.32 25.87 2.35
N LEU A 73 -26.72 24.69 2.40
CA LEU A 73 -25.98 24.14 1.28
C LEU A 73 -26.82 23.04 0.64
N THR A 74 -27.03 23.15 -0.66
CA THR A 74 -27.84 22.18 -1.39
C THR A 74 -26.97 21.46 -2.41
N ILE A 75 -27.04 20.13 -2.40
CA ILE A 75 -26.42 19.30 -3.41
C ILE A 75 -27.56 18.66 -4.19
N SER A 76 -27.77 19.13 -5.43
CA SER A 76 -28.98 18.79 -6.16
C SER A 76 -29.10 17.28 -6.36
N SER A 77 -28.01 16.63 -6.74
CA SER A 77 -27.98 15.19 -6.92
C SER A 77 -26.63 14.68 -6.43
N LEU A 78 -26.64 13.86 -5.38
CA LEU A 78 -25.40 13.42 -4.75
C LEU A 78 -24.63 12.48 -5.66
N GLU A 79 -23.33 12.70 -5.74
CA GLU A 79 -22.38 11.82 -6.42
C GLU A 79 -21.60 11.01 -5.41
N PRO A 80 -20.97 9.90 -5.83
CA PRO A 80 -20.21 9.10 -4.85
C PRO A 80 -19.15 9.88 -4.09
N GLU A 81 -18.48 10.81 -4.75
CA GLU A 81 -17.47 11.63 -4.08
C GLU A 81 -18.07 12.64 -3.10
N ASP A 82 -19.38 12.88 -3.15
CA ASP A 82 -19.99 13.88 -2.29
C ASP A 82 -20.24 13.37 -0.88
N PHE A 83 -20.13 12.07 -0.63
CA PHE A 83 -20.28 11.54 0.73
C PHE A 83 -19.02 11.90 1.50
N ALA A 84 -19.13 12.92 2.35
CA ALA A 84 -17.98 13.57 2.97
C ALA A 84 -18.50 14.41 4.12
N VAL A 85 -17.61 15.20 4.72
CA VAL A 85 -17.97 16.13 5.81
C VAL A 85 -17.94 17.54 5.25
N TYR A 86 -18.91 18.34 5.64
CA TYR A 86 -19.07 19.71 5.16
C TYR A 86 -19.04 20.67 6.34
N TYR A 87 -18.32 21.77 6.17
CA TYR A 87 -18.19 22.79 7.21
C TYR A 87 -18.62 24.14 6.65
N CYS A 88 -19.31 24.92 7.47
CA CYS A 88 -19.53 26.33 7.18
C CYS A 88 -18.55 27.18 7.98
N GLN A 89 -18.39 28.44 7.54
CA GLN A 89 -17.32 29.29 8.07
C GLN A 89 -17.74 30.75 7.96
N GLN A 90 -17.36 31.54 8.97
CA GLN A 90 -17.63 32.98 8.98
C GLN A 90 -16.42 33.71 9.54
N ARG A 91 -16.50 35.04 9.56
CA ARG A 91 -15.41 35.88 10.04
C ARG A 91 -16.00 37.13 10.68
N ASN A 92 -15.71 37.34 11.96
CA ASN A 92 -16.27 38.46 12.71
C ASN A 92 -15.17 39.39 13.20
N ASN A 93 -15.45 40.69 13.17
CA ASN A 93 -14.57 41.73 13.71
C ASN A 93 -13.18 41.70 13.08
N TRP A 94 -13.12 41.31 11.81
CA TRP A 94 -11.91 41.36 10.97
C TRP A 94 -10.82 40.39 11.40
N ARG A 95 -10.80 39.96 12.66
CA ARG A 95 -9.64 39.28 13.21
C ARG A 95 -9.95 37.89 13.77
N THR A 96 -11.11 37.32 13.47
CA THR A 96 -11.48 36.01 13.98
C THR A 96 -12.23 35.25 12.91
N TRP A 97 -11.80 34.01 12.63
CA TRP A 97 -12.43 33.12 11.68
C TRP A 97 -12.88 31.87 12.43
N THR A 98 -14.12 31.45 12.23
CA THR A 98 -14.66 30.30 12.95
C THR A 98 -15.43 29.39 11.99
N PHE A 99 -15.55 28.13 12.40
CA PHE A 99 -16.26 27.10 11.64
C PHE A 99 -17.44 26.57 12.46
N GLY A 100 -18.41 26.01 11.75
CA GLY A 100 -19.38 25.13 12.39
C GLY A 100 -18.73 23.80 12.73
N GLN A 101 -19.49 22.94 13.42
CA GLN A 101 -18.88 21.69 13.86
C GLN A 101 -18.93 20.59 12.80
N GLY A 102 -19.50 20.86 11.64
CA GLY A 102 -19.43 19.91 10.55
C GLY A 102 -20.67 19.04 10.48
N THR A 103 -21.03 18.66 9.24
CA THR A 103 -22.12 17.73 8.97
C THR A 103 -21.58 16.62 8.09
N LYS A 104 -21.83 15.37 8.47
CA LYS A 104 -21.40 14.22 7.70
C LYS A 104 -22.54 13.74 6.81
N VAL A 105 -22.29 13.64 5.51
CA VAL A 105 -23.23 13.04 4.58
C VAL A 105 -22.81 11.59 4.36
N GLU A 106 -23.66 10.65 4.79
CA GLU A 106 -23.35 9.23 4.72
C GLU A 106 -24.32 8.54 3.77
N ILE A 107 -23.97 7.31 3.38
CA ILE A 107 -24.79 6.52 2.49
C ILE A 107 -25.88 5.82 3.30
N ASN A 108 -27.14 6.10 2.96
CA ASN A 108 -28.25 5.45 3.63
C ASN A 108 -28.41 4.01 3.13
N ARG A 109 -28.92 3.14 4.00
CA ARG A 109 -29.20 1.76 3.65
C ARG A 109 -30.18 1.20 4.68
N THR A 110 -30.57 -0.07 4.48
CA THR A 110 -31.49 -0.72 5.38
C THR A 110 -30.81 -1.08 6.70
N VAL A 111 -31.61 -1.18 7.76
CA VAL A 111 -31.09 -1.47 9.08
C VAL A 111 -30.45 -2.86 9.08
N ALA A 112 -29.26 -2.94 9.66
CA ALA A 112 -28.53 -4.21 9.76
C ALA A 112 -28.07 -4.37 11.20
N ALA A 113 -28.51 -5.44 11.85
CA ALA A 113 -28.14 -5.67 13.24
C ALA A 113 -26.69 -6.15 13.30
N PRO A 114 -25.92 -5.74 14.31
CA PRO A 114 -24.55 -6.23 14.43
C PRO A 114 -24.53 -7.68 14.92
N SER A 115 -23.57 -8.44 14.41
CA SER A 115 -23.22 -9.72 15.01
C SER A 115 -22.13 -9.46 16.03
N VAL A 116 -22.29 -10.04 17.22
CA VAL A 116 -21.48 -9.68 18.39
C VAL A 116 -20.54 -10.83 18.73
N PHE A 117 -19.30 -10.48 19.05
CA PHE A 117 -18.28 -11.45 19.46
C PHE A 117 -17.54 -10.89 20.65
N ILE A 118 -17.23 -11.74 21.62
CA ILE A 118 -16.46 -11.33 22.79
C ILE A 118 -15.18 -12.15 22.83
N PHE A 119 -14.07 -11.50 23.16
CA PHE A 119 -12.76 -12.12 23.17
C PHE A 119 -12.14 -11.98 24.56
N PRO A 120 -11.84 -13.08 25.24
CA PRO A 120 -11.15 -12.99 26.53
C PRO A 120 -9.71 -12.55 26.33
N PRO A 121 -9.05 -12.06 27.38
CA PRO A 121 -7.62 -11.75 27.26
C PRO A 121 -6.80 -13.01 27.07
N SER A 122 -5.71 -12.87 26.31
CA SER A 122 -4.83 -14.00 26.06
C SER A 122 -3.99 -14.30 27.30
N ASP A 123 -3.60 -15.56 27.44
CA ASP A 123 -2.72 -15.95 28.53
C ASP A 123 -1.37 -15.24 28.44
N GLU A 124 -0.92 -14.93 27.22
CA GLU A 124 0.32 -14.19 27.06
C GLU A 124 0.22 -12.80 27.67
N GLN A 125 -0.93 -12.15 27.53
CA GLN A 125 -1.09 -10.80 28.08
C GLN A 125 -1.21 -10.83 29.60
N LEU A 126 -1.89 -11.84 30.14
CA LEU A 126 -2.03 -11.94 31.59
C LEU A 126 -0.69 -12.12 32.26
N LYS A 127 0.28 -12.74 31.57
CA LYS A 127 1.62 -12.87 32.12
C LYS A 127 2.34 -11.52 32.19
N SER A 128 1.81 -10.49 31.54
CA SER A 128 2.40 -9.15 31.59
C SER A 128 1.77 -8.25 32.65
N GLY A 129 0.65 -8.67 33.25
CA GLY A 129 0.02 -7.90 34.30
C GLY A 129 -1.19 -7.10 33.90
N THR A 130 -1.66 -7.23 32.66
CA THR A 130 -2.80 -6.46 32.17
C THR A 130 -3.76 -7.41 31.46
N ALA A 131 -5.06 -7.11 31.57
CA ALA A 131 -6.10 -7.87 30.91
C ALA A 131 -6.91 -6.94 30.02
N SER A 132 -7.00 -7.30 28.74
CA SER A 132 -7.83 -6.57 27.77
C SER A 132 -8.93 -7.49 27.28
N VAL A 133 -10.17 -7.06 27.42
CA VAL A 133 -11.34 -7.79 26.94
C VAL A 133 -11.94 -7.01 25.78
N VAL A 134 -12.16 -7.69 24.65
CA VAL A 134 -12.57 -7.04 23.41
C VAL A 134 -13.97 -7.52 23.03
N CYS A 135 -14.85 -6.57 22.72
CA CYS A 135 -16.17 -6.86 22.17
C CYS A 135 -16.25 -6.31 20.76
N LEU A 136 -16.70 -7.13 19.82
CA LEU A 136 -16.74 -6.78 18.41
C LEU A 136 -18.19 -6.71 17.93
N LEU A 137 -18.54 -5.60 17.28
CA LEU A 137 -19.85 -5.41 16.65
C LEU A 137 -19.58 -5.30 15.15
N ASN A 138 -20.00 -6.32 14.40
CA ASN A 138 -19.58 -6.45 13.01
C ASN A 138 -20.71 -6.10 12.07
N ASN A 139 -20.43 -5.22 11.11
CA ASN A 139 -21.30 -4.92 9.98
C ASN A 139 -22.71 -4.54 10.41
N PHE A 140 -22.90 -3.35 10.95
CA PHE A 140 -24.22 -2.89 11.37
C PHE A 140 -24.53 -1.54 10.76
N TYR A 141 -25.83 -1.21 10.78
CA TYR A 141 -26.33 0.08 10.33
C TYR A 141 -27.69 0.28 10.97
N PRO A 142 -28.01 1.49 11.48
CA PRO A 142 -27.23 2.73 11.42
C PRO A 142 -26.09 2.79 12.43
N ARG A 143 -25.43 3.96 12.49
CA ARG A 143 -24.20 4.10 13.27
C ARG A 143 -24.46 3.96 14.77
N GLU A 144 -25.59 4.47 15.26
CA GLU A 144 -25.85 4.49 16.69
C GLU A 144 -25.86 3.09 17.27
N ALA A 145 -24.97 2.84 18.24
CA ALA A 145 -24.92 1.57 18.93
C ALA A 145 -24.43 1.81 20.35
N LYS A 146 -25.02 1.11 21.31
CA LYS A 146 -24.65 1.24 22.71
C LYS A 146 -24.05 -0.08 23.20
N VAL A 147 -22.84 -0.01 23.75
CA VAL A 147 -22.15 -1.16 24.29
C VAL A 147 -21.91 -0.93 25.77
N GLN A 148 -22.29 -1.90 26.60
CA GLN A 148 -22.12 -1.82 28.05
C GLN A 148 -21.38 -3.06 28.54
N TRP A 149 -20.34 -2.84 29.33
CA TRP A 149 -19.57 -3.93 29.93
C TRP A 149 -20.09 -4.25 31.32
N LYS A 150 -20.21 -5.55 31.62
CA LYS A 150 -20.64 -6.00 32.92
C LYS A 150 -19.66 -7.05 33.43
N VAL A 151 -19.19 -6.86 34.66
CA VAL A 151 -18.22 -7.75 35.30
C VAL A 151 -18.86 -8.25 36.58
N ASP A 152 -19.21 -9.55 36.60
CA ASP A 152 -20.01 -10.13 37.68
C ASP A 152 -21.31 -9.36 37.86
N ASN A 153 -21.96 -9.04 36.74
CA ASN A 153 -23.22 -8.30 36.64
C ASN A 153 -23.09 -6.85 37.07
N ALA A 154 -21.88 -6.38 37.34
CA ALA A 154 -21.65 -4.99 37.75
C ALA A 154 -21.31 -4.16 36.51
N LEU A 155 -22.12 -3.14 36.24
CA LEU A 155 -21.88 -2.28 35.10
C LEU A 155 -20.58 -1.51 35.26
N GLN A 156 -19.81 -1.43 34.19
CA GLN A 156 -18.52 -0.75 34.19
C GLN A 156 -18.65 0.65 33.62
N SER A 157 -17.67 1.49 33.95
CA SER A 157 -17.64 2.86 33.46
C SER A 157 -16.22 3.40 33.59
N GLY A 158 -15.77 4.12 32.57
CA GLY A 158 -14.47 4.77 32.60
C GLY A 158 -13.28 3.87 32.35
N ASN A 159 -13.49 2.58 32.06
CA ASN A 159 -12.40 1.66 31.80
C ASN A 159 -12.52 0.97 30.44
N SER A 160 -13.27 1.55 29.51
CA SER A 160 -13.44 0.99 28.18
C SER A 160 -13.25 2.09 27.14
N GLN A 161 -12.84 1.68 25.95
CA GLN A 161 -12.67 2.60 24.82
C GLN A 161 -13.25 1.95 23.56
N GLU A 162 -13.89 2.77 22.73
CA GLU A 162 -14.50 2.30 21.50
C GLU A 162 -13.74 2.84 20.29
N SER A 163 -13.77 2.07 19.21
CA SER A 163 -13.21 2.46 17.92
C SER A 163 -14.13 1.95 16.83
N VAL A 164 -14.31 2.74 15.77
CA VAL A 164 -15.28 2.42 14.73
C VAL A 164 -14.64 2.62 13.36
N THR A 165 -14.94 1.71 12.44
CA THR A 165 -14.46 1.86 11.08
C THR A 165 -15.31 2.89 10.32
N GLU A 166 -14.82 3.28 9.16
CA GLU A 166 -15.63 4.07 8.26
C GLU A 166 -16.60 3.16 7.52
N GLN A 167 -17.61 3.76 6.90
CA GLN A 167 -18.62 2.99 6.18
C GLN A 167 -17.95 2.08 5.15
N ASP A 168 -18.35 0.81 5.14
CA ASP A 168 -17.71 -0.17 4.28
C ASP A 168 -18.02 0.11 2.81
N SER A 169 -16.98 0.04 1.97
CA SER A 169 -17.14 0.39 0.56
C SER A 169 -18.06 -0.57 -0.17
N LYS A 170 -18.36 -1.74 0.39
CA LYS A 170 -19.21 -2.73 -0.26
C LYS A 170 -20.65 -2.70 0.25
N ASP A 171 -20.85 -2.86 1.55
CA ASP A 171 -22.19 -2.97 2.12
C ASP A 171 -22.63 -1.75 2.91
N SER A 172 -21.80 -0.71 2.98
CA SER A 172 -22.13 0.57 3.63
C SER A 172 -22.41 0.40 5.13
N THR A 173 -21.89 -0.64 5.76
CA THR A 173 -22.08 -0.87 7.19
C THR A 173 -20.90 -0.32 7.98
N TYR A 174 -21.11 -0.24 9.29
CA TYR A 174 -20.05 0.08 10.23
C TYR A 174 -19.67 -1.17 11.03
N SER A 175 -18.44 -1.16 11.54
CA SER A 175 -18.01 -2.13 12.52
C SER A 175 -17.37 -1.39 13.69
N LEU A 176 -17.49 -1.97 14.88
CA LEU A 176 -17.06 -1.27 16.09
C LEU A 176 -16.41 -2.26 17.04
N SER A 177 -15.38 -1.79 17.74
CA SER A 177 -14.72 -2.56 18.77
C SER A 177 -14.80 -1.81 20.10
N SER A 178 -15.04 -2.55 21.18
CA SER A 178 -14.98 -2.00 22.52
C SER A 178 -14.01 -2.83 23.33
N THR A 179 -13.07 -2.16 24.01
CA THR A 179 -11.99 -2.82 24.72
C THR A 179 -12.07 -2.45 26.19
N LEU A 180 -12.23 -3.46 27.05
CA LEU A 180 -12.23 -3.27 28.49
C LEU A 180 -10.83 -3.59 29.01
N THR A 181 -10.23 -2.63 29.70
CA THR A 181 -8.87 -2.78 30.23
C THR A 181 -8.92 -2.87 31.75
N LEU A 182 -8.44 -3.99 32.28
CA LEU A 182 -8.36 -4.19 33.72
C LEU A 182 -6.96 -4.67 34.08
N SER A 183 -6.59 -4.49 35.34
CA SER A 183 -5.35 -5.06 35.83
C SER A 183 -5.46 -6.57 35.93
N LYS A 184 -4.30 -7.24 35.94
CA LYS A 184 -4.29 -8.68 36.13
C LYS A 184 -4.98 -9.05 37.44
N ALA A 185 -4.77 -8.24 38.49
CA ALA A 185 -5.40 -8.52 39.78
C ALA A 185 -6.91 -8.36 39.68
N ASP A 186 -7.38 -7.20 39.19
CA ASP A 186 -8.82 -6.97 39.10
C ASP A 186 -9.51 -7.98 38.20
N TYR A 187 -8.81 -8.46 37.16
CA TYR A 187 -9.40 -9.45 36.27
C TYR A 187 -9.60 -10.79 36.97
N GLU A 188 -8.65 -11.17 37.83
CA GLU A 188 -8.75 -12.45 38.52
C GLU A 188 -9.73 -12.44 39.69
N LYS A 189 -10.24 -11.27 40.08
CA LYS A 189 -11.17 -11.17 41.20
C LYS A 189 -12.63 -11.32 40.78
N HIS A 190 -12.90 -11.67 39.52
CA HIS A 190 -14.25 -11.82 39.04
C HIS A 190 -14.31 -12.98 38.05
N LYS A 191 -15.53 -13.41 37.73
CA LYS A 191 -15.75 -14.60 36.92
C LYS A 191 -16.37 -14.30 35.57
N VAL A 192 -17.59 -13.78 35.54
CA VAL A 192 -18.34 -13.61 34.29
C VAL A 192 -18.10 -12.21 33.74
N TYR A 193 -17.72 -12.14 32.47
CA TYR A 193 -17.48 -10.89 31.76
C TYR A 193 -18.42 -10.84 30.56
N ALA A 194 -19.27 -9.82 30.52
CA ALA A 194 -20.35 -9.76 29.55
C ALA A 194 -20.33 -8.44 28.80
N CYS A 195 -20.60 -8.52 27.49
CA CYS A 195 -20.76 -7.36 26.63
C CYS A 195 -22.21 -7.30 26.19
N GLU A 196 -22.90 -6.22 26.52
CA GLU A 196 -24.30 -6.05 26.18
C GLU A 196 -24.45 -4.99 25.11
N VAL A 197 -25.10 -5.35 24.01
CA VAL A 197 -25.16 -4.52 22.81
C VAL A 197 -26.62 -4.14 22.54
N THR A 198 -26.88 -2.84 22.43
CA THR A 198 -28.19 -2.31 22.07
C THR A 198 -28.09 -1.64 20.71
N HIS A 199 -28.96 -2.03 19.78
CA HIS A 199 -28.94 -1.49 18.44
C HIS A 199 -30.34 -1.59 17.85
N GLN A 200 -30.64 -0.69 16.91
CA GLN A 200 -31.99 -0.62 16.35
C GLN A 200 -32.37 -1.92 15.67
N GLY A 201 -31.41 -2.61 15.04
CA GLY A 201 -31.69 -3.85 14.36
C GLY A 201 -31.93 -5.04 15.26
N LEU A 202 -31.77 -4.86 16.57
CA LEU A 202 -31.96 -5.92 17.55
C LEU A 202 -33.26 -5.67 18.32
N SER A 203 -34.14 -6.67 18.33
CA SER A 203 -35.38 -6.52 19.09
C SER A 203 -35.12 -6.44 20.59
N SER A 204 -34.05 -7.07 21.05
CA SER A 204 -33.66 -7.06 22.45
C SER A 204 -32.15 -6.97 22.53
N PRO A 205 -31.61 -6.34 23.57
CA PRO A 205 -30.15 -6.23 23.69
C PRO A 205 -29.48 -7.60 23.72
N VAL A 206 -28.47 -7.77 22.87
CA VAL A 206 -27.72 -9.01 22.78
C VAL A 206 -26.56 -8.97 23.75
N THR A 207 -26.37 -10.06 24.50
CA THR A 207 -25.32 -10.18 25.49
C THR A 207 -24.40 -11.33 25.12
N LYS A 208 -23.12 -11.05 24.95
CA LYS A 208 -22.09 -12.06 24.77
C LYS A 208 -21.24 -12.09 26.03
N SER A 209 -21.00 -13.29 26.56
CA SER A 209 -20.32 -13.41 27.84
C SER A 209 -19.42 -14.64 27.85
N PHE A 210 -18.48 -14.64 28.79
CA PHE A 210 -17.65 -15.80 29.06
C PHE A 210 -17.31 -15.82 30.54
N ASN A 211 -17.01 -17.01 31.04
CA ASN A 211 -16.53 -17.19 32.41
C ASN A 211 -15.02 -17.36 32.40
N ARG A 212 -14.32 -16.59 33.22
CA ARG A 212 -12.87 -16.60 33.24
C ARG A 212 -12.35 -17.99 33.62
N GLY A 213 -11.54 -18.58 32.73
CA GLY A 213 -10.90 -19.84 33.00
C GLY A 213 -11.61 -21.07 32.44
N GLU A 214 -12.70 -20.89 31.71
CA GLU A 214 -13.45 -22.02 31.17
C GLU A 214 -13.29 -22.12 29.66
N GLN B 1 -0.83 25.83 -11.36
CA GLN B 1 -1.99 26.30 -10.62
C GLN B 1 -1.61 26.62 -9.18
N VAL B 2 -2.60 26.99 -8.36
CA VAL B 2 -2.33 27.30 -6.96
C VAL B 2 -1.96 26.01 -6.24
N GLN B 3 -0.81 26.03 -5.56
CA GLN B 3 -0.41 24.90 -4.75
C GLN B 3 0.25 25.40 -3.47
N LEU B 4 -0.03 24.72 -2.36
CA LEU B 4 0.59 25.00 -1.07
C LEU B 4 1.14 23.69 -0.50
N VAL B 5 2.40 23.70 -0.08
CA VAL B 5 3.09 22.51 0.40
C VAL B 5 3.66 22.79 1.78
N GLU B 6 3.12 22.14 2.80
CA GLU B 6 3.61 22.27 4.16
C GLU B 6 4.79 21.33 4.41
N SER B 7 5.64 21.72 5.37
CA SER B 7 6.73 20.86 5.83
C SER B 7 7.01 21.19 7.29
N GLY B 8 7.71 20.28 7.96
CA GLY B 8 8.12 20.50 9.33
C GLY B 8 7.35 19.72 10.38
N GLY B 9 6.37 18.91 9.99
CA GLY B 9 5.63 18.13 10.95
C GLY B 9 6.49 17.08 11.64
N GLY B 10 5.97 16.53 12.72
CA GLY B 10 6.67 15.51 13.46
C GLY B 10 6.17 15.41 14.89
N VAL B 11 6.91 14.64 15.69
CA VAL B 11 6.62 14.42 17.09
C VAL B 11 7.49 15.34 17.93
N VAL B 12 6.90 15.91 18.98
CA VAL B 12 7.60 16.84 19.86
C VAL B 12 7.06 16.64 21.27
N GLN B 13 7.95 16.80 22.26
CA GLN B 13 7.55 16.66 23.65
C GLN B 13 6.89 17.94 24.15
N PRO B 14 5.97 17.81 25.12
CA PRO B 14 5.31 19.00 25.67
C PRO B 14 6.31 19.99 26.24
N GLY B 15 6.04 21.28 26.03
CA GLY B 15 6.91 22.34 26.45
C GLY B 15 7.98 22.74 25.44
N ARG B 16 8.22 21.92 24.42
CA ARG B 16 9.21 22.22 23.40
C ARG B 16 8.55 22.99 22.25
N SER B 17 9.35 23.31 21.25
CA SER B 17 8.91 24.12 20.13
C SER B 17 9.02 23.33 18.83
N LEU B 18 8.22 23.77 17.84
CA LEU B 18 8.27 23.19 16.51
C LEU B 18 7.86 24.27 15.52
N ARG B 19 8.54 24.31 14.38
CA ARG B 19 8.31 25.33 13.35
C ARG B 19 7.79 24.65 12.09
N LEU B 20 6.65 25.11 11.60
CA LEU B 20 6.09 24.64 10.34
C LEU B 20 6.37 25.65 9.24
N SER B 21 6.58 25.15 8.03
CA SER B 21 6.74 25.98 6.84
C SER B 21 5.70 25.59 5.81
N CYS B 22 5.38 26.54 4.92
CA CYS B 22 4.44 26.30 3.83
C CYS B 22 4.88 27.15 2.64
N VAL B 23 5.19 26.49 1.52
CA VAL B 23 5.68 27.16 0.33
C VAL B 23 4.58 27.16 -0.72
N GLY B 24 4.32 28.32 -1.30
CA GLY B 24 3.31 28.47 -2.33
C GLY B 24 3.93 28.53 -3.72
N SER B 25 3.16 28.12 -4.72
CA SER B 25 3.58 28.22 -6.11
C SER B 25 2.33 28.33 -6.99
N GLY B 26 2.53 28.90 -8.17
CA GLY B 26 1.44 29.07 -9.12
C GLY B 26 0.54 30.25 -8.88
N PHE B 27 0.95 31.20 -8.04
CA PHE B 27 0.18 32.42 -7.81
C PHE B 27 1.11 33.43 -7.13
N THR B 28 0.65 34.67 -7.07
CA THR B 28 1.43 35.74 -6.46
C THR B 28 1.30 35.62 -4.95
N PHE B 29 2.35 35.09 -4.31
CA PHE B 29 2.28 34.77 -2.88
C PHE B 29 2.10 36.02 -2.04
N ARG B 30 2.74 37.13 -2.44
CA ARG B 30 2.73 38.35 -1.63
C ARG B 30 1.39 39.09 -1.70
N ARG B 31 0.48 38.69 -2.59
CA ARG B 31 -0.72 39.49 -2.82
C ARG B 31 -1.69 39.39 -1.64
N ASP B 32 -1.84 38.21 -1.04
CA ASP B 32 -2.93 37.93 -0.14
C ASP B 32 -2.46 37.48 1.23
N ALA B 33 -3.37 37.53 2.19
CA ALA B 33 -3.11 37.01 3.53
C ALA B 33 -2.88 35.50 3.49
N LYS B 34 -2.27 34.99 4.56
CA LYS B 34 -1.99 33.57 4.71
C LYS B 34 -2.48 33.13 6.09
N TYR B 35 -2.81 31.84 6.20
CA TYR B 35 -3.49 31.34 7.38
C TYR B 35 -2.99 29.95 7.73
N TRP B 36 -3.20 29.56 8.99
CA TRP B 36 -3.06 28.18 9.44
C TRP B 36 -4.36 27.74 10.09
N VAL B 37 -4.86 26.59 9.66
CA VAL B 37 -6.07 25.97 10.20
C VAL B 37 -5.72 24.53 10.56
N ARG B 38 -6.09 24.10 11.76
CA ARG B 38 -5.72 22.78 12.24
C ARG B 38 -6.95 21.92 12.48
N GLN B 39 -6.71 20.61 12.59
CA GLN B 39 -7.77 19.64 12.81
C GLN B 39 -7.23 18.55 13.72
N ALA B 40 -7.69 18.54 14.97
CA ALA B 40 -7.31 17.49 15.89
C ALA B 40 -7.89 16.15 15.42
N PRO B 41 -7.28 15.03 15.79
CA PRO B 41 -7.75 13.73 15.29
C PRO B 41 -9.22 13.49 15.64
N GLY B 42 -10.02 13.22 14.62
CA GLY B 42 -11.43 12.99 14.80
C GLY B 42 -12.26 14.23 15.08
N LYS B 43 -11.67 15.42 14.98
CA LYS B 43 -12.34 16.65 15.35
C LYS B 43 -12.58 17.53 14.12
N GLY B 44 -13.18 18.69 14.34
CA GLY B 44 -13.47 19.63 13.28
C GLY B 44 -12.32 20.58 13.02
N LEU B 45 -12.58 21.54 12.13
CA LEU B 45 -11.57 22.52 11.76
C LEU B 45 -11.54 23.68 12.73
N GLU B 46 -10.33 24.13 13.07
CA GLU B 46 -10.12 25.24 14.00
C GLU B 46 -9.09 26.18 13.38
N TRP B 47 -9.51 27.39 13.05
CA TRP B 47 -8.56 28.40 12.60
C TRP B 47 -7.57 28.71 13.71
N VAL B 48 -6.30 28.90 13.33
CA VAL B 48 -5.21 29.06 14.28
C VAL B 48 -4.58 30.45 14.21
N ALA B 49 -4.21 30.88 13.01
CA ALA B 49 -3.45 32.12 12.89
C ALA B 49 -3.66 32.73 11.51
N ALA B 50 -3.51 34.06 11.44
CA ALA B 50 -3.64 34.80 10.20
C ALA B 50 -2.58 35.89 10.15
N ILE B 51 -2.11 36.20 8.95
CA ILE B 51 -1.11 37.24 8.73
C ILE B 51 -1.41 37.98 7.44
N SER B 52 -1.28 39.31 7.48
CA SER B 52 -1.61 40.13 6.32
C SER B 52 -0.57 39.95 5.20
N HIS B 53 -0.86 40.59 4.06
CA HIS B 53 -0.06 40.37 2.85
C HIS B 53 1.40 40.75 3.08
N ASP B 54 1.67 41.80 3.83
CA ASP B 54 3.04 42.26 4.06
C ASP B 54 3.53 41.95 5.48
N GLY B 55 2.77 41.19 6.26
CA GLY B 55 3.17 40.88 7.61
C GLY B 55 2.91 41.96 8.63
N GLY B 56 2.23 43.05 8.25
CA GLY B 56 1.97 44.13 9.19
C GLY B 56 0.92 43.81 10.23
N GLU B 57 0.09 42.80 9.98
CA GLU B 57 -0.98 42.42 10.90
C GLU B 57 -0.92 40.91 11.14
N GLU B 58 -1.09 40.51 12.39
CA GLU B 58 -1.17 39.10 12.75
C GLU B 58 -2.22 38.91 13.83
N ASP B 59 -2.94 37.80 13.77
CA ASP B 59 -3.96 37.49 14.76
C ASP B 59 -4.03 35.98 14.96
N TYR B 60 -4.55 35.58 16.12
CA TYR B 60 -4.50 34.20 16.57
C TYR B 60 -5.78 33.83 17.29
N ALA B 61 -6.10 32.54 17.27
CA ALA B 61 -7.16 32.03 18.13
C ALA B 61 -6.70 32.10 19.59
N GLU B 62 -7.66 32.30 20.49
CA GLU B 62 -7.35 32.40 21.91
C GLU B 62 -6.63 31.15 22.41
N SER B 63 -6.88 30.00 21.78
CA SER B 63 -6.27 28.75 22.23
C SER B 63 -4.77 28.73 22.01
N VAL B 64 -4.23 29.58 21.13
CA VAL B 64 -2.81 29.53 20.81
C VAL B 64 -2.15 30.89 20.99
N LYS B 65 -2.95 31.93 21.26
CA LYS B 65 -2.40 33.27 21.40
C LYS B 65 -1.41 33.32 22.55
N GLY B 66 -0.26 33.96 22.31
CA GLY B 66 0.82 34.00 23.26
C GLY B 66 1.81 32.87 23.13
N ARG B 67 1.43 31.78 22.47
CA ARG B 67 2.31 30.64 22.26
C ARG B 67 2.75 30.46 20.82
N PHE B 68 1.90 30.83 19.87
CA PHE B 68 2.20 30.65 18.45
C PHE B 68 2.59 31.97 17.82
N THR B 69 3.43 31.90 16.79
CA THR B 69 3.81 33.06 16.01
C THR B 69 3.76 32.71 14.54
N ILE B 70 2.99 33.46 13.78
CA ILE B 70 2.91 33.30 12.32
C ILE B 70 3.74 34.38 11.66
N SER B 71 4.49 34.00 10.64
CA SER B 71 5.34 34.93 9.92
C SER B 71 5.38 34.51 8.45
N ARG B 72 5.91 35.39 7.61
CA ARG B 72 6.00 35.09 6.19
C ARG B 72 7.25 35.73 5.60
N ASP B 73 7.78 35.10 4.56
CA ASP B 73 8.90 35.61 3.79
C ASP B 73 8.46 35.58 2.33
N ASN B 74 8.01 36.72 1.81
CA ASN B 74 7.43 36.74 0.47
C ASN B 74 8.47 36.49 -0.61
N SER B 75 9.72 36.89 -0.39
CA SER B 75 10.76 36.63 -1.37
C SER B 75 10.99 35.14 -1.57
N ARG B 76 10.70 34.34 -0.54
CA ARG B 76 10.81 32.89 -0.62
C ARG B 76 9.46 32.20 -0.77
N GLU B 77 8.38 32.97 -0.92
CA GLU B 77 7.03 32.44 -1.11
C GLU B 77 6.65 31.47 0.01
N THR B 78 6.95 31.85 1.25
CA THR B 78 6.80 30.94 2.38
C THR B 78 6.11 31.65 3.54
N VAL B 79 5.20 30.93 4.19
CA VAL B 79 4.58 31.35 5.44
C VAL B 79 4.96 30.32 6.50
N TYR B 80 5.22 30.81 7.72
CA TYR B 80 5.69 29.95 8.80
C TYR B 80 4.70 29.97 9.96
N LEU B 81 4.73 28.90 10.75
CA LEU B 81 4.02 28.84 12.02
C LEU B 81 5.00 28.35 13.09
N GLU B 82 5.41 29.25 13.97
CA GLU B 82 6.28 28.92 15.09
C GLU B 82 5.42 28.58 16.29
N MET B 83 5.54 27.35 16.78
CA MET B 83 4.71 26.85 17.88
C MET B 83 5.59 26.59 19.09
N ASN B 84 5.38 27.35 20.15
CA ASN B 84 6.12 27.20 21.40
C ASN B 84 5.18 26.72 22.50
N SER B 85 5.78 26.24 23.59
CA SER B 85 5.03 25.78 24.76
C SER B 85 3.92 24.81 24.36
N LEU B 86 4.28 23.84 23.52
CA LEU B 86 3.30 22.94 22.95
C LEU B 86 2.67 22.05 24.01
N ARG B 87 1.38 21.76 23.82
CA ARG B 87 0.58 20.95 24.73
C ARG B 87 0.03 19.76 23.98
N PRO B 88 -0.31 18.67 24.68
CA PRO B 88 -0.90 17.50 24.00
C PRO B 88 -2.11 17.83 23.15
N GLU B 89 -2.96 18.77 23.58
CA GLU B 89 -4.14 19.12 22.81
C GLU B 89 -3.79 19.92 21.55
N ASP B 90 -2.53 20.30 21.36
CA ASP B 90 -2.12 20.89 20.09
C ASP B 90 -1.85 19.85 19.02
N THR B 91 -1.93 18.56 19.37
CA THR B 91 -1.78 17.51 18.37
C THR B 91 -2.88 17.63 17.33
N ALA B 92 -2.47 17.76 16.06
CA ALA B 92 -3.43 18.00 14.99
C ALA B 92 -2.69 17.97 13.66
N VAL B 93 -3.47 17.84 12.58
CA VAL B 93 -2.98 18.16 11.25
C VAL B 93 -3.13 19.65 11.05
N TYR B 94 -2.03 20.32 10.70
CA TYR B 94 -2.03 21.77 10.49
C TYR B 94 -2.03 22.05 9.00
N TYR B 95 -3.06 22.75 8.53
CA TYR B 95 -3.20 23.11 7.13
C TYR B 95 -2.82 24.58 6.94
N CYS B 96 -2.05 24.85 5.90
CA CYS B 96 -1.84 26.22 5.49
CA CYS B 96 -1.77 26.19 5.42
C CYS B 96 -2.82 26.57 4.38
N ALA B 97 -3.18 27.85 4.32
CA ALA B 97 -4.22 28.29 3.41
C ALA B 97 -3.96 29.72 2.96
N THR B 98 -4.49 30.04 1.78
CA THR B 98 -4.41 31.38 1.22
C THR B 98 -5.81 31.82 0.78
N THR B 99 -5.98 33.14 0.63
CA THR B 99 -7.29 33.73 0.39
C THR B 99 -7.26 34.58 -0.87
N ARG B 100 -8.45 34.90 -1.37
CA ARG B 100 -8.60 35.86 -2.45
C ARG B 100 -9.09 37.22 -1.97
N SER B 101 -9.59 37.31 -0.74
CA SER B 101 -10.14 38.54 -0.21
C SER B 101 -9.85 38.78 1.26
N GLY B 102 -9.42 37.76 2.00
CA GLY B 102 -9.23 37.87 3.43
C GLY B 102 -10.33 37.22 4.24
N TRP B 103 -11.49 36.95 3.63
CA TRP B 103 -12.64 36.40 4.32
C TRP B 103 -12.64 34.88 4.37
N TYR B 104 -12.24 34.22 3.30
CA TYR B 104 -12.42 32.77 3.18
C TYR B 104 -11.10 32.11 2.81
N PHE B 105 -11.07 30.79 2.99
CA PHE B 105 -9.87 29.99 2.73
C PHE B 105 -10.01 29.36 1.35
N ASP B 106 -9.59 30.11 0.32
CA ASP B 106 -9.86 29.72 -1.05
C ASP B 106 -9.04 28.51 -1.48
N TYR B 107 -7.83 28.35 -0.96
CA TYR B 107 -6.97 27.24 -1.33
C TYR B 107 -6.24 26.72 -0.10
N TRP B 108 -6.06 25.40 -0.06
CA TRP B 108 -5.55 24.71 1.10
C TRP B 108 -4.32 23.88 0.74
N GLY B 109 -3.42 23.72 1.70
CA GLY B 109 -2.29 22.84 1.56
C GLY B 109 -2.70 21.39 1.77
N GLN B 110 -1.69 20.53 1.91
CA GLN B 110 -1.90 19.10 2.11
C GLN B 110 -1.90 18.71 3.58
N GLY B 111 -1.53 19.61 4.48
CA GLY B 111 -1.53 19.33 5.90
C GLY B 111 -0.22 18.76 6.41
N ALA B 112 0.16 19.15 7.63
CA ALA B 112 1.34 18.62 8.30
C ALA B 112 0.93 18.15 9.68
N LEU B 113 1.27 16.91 10.01
CA LEU B 113 0.87 16.28 11.26
C LEU B 113 1.86 16.66 12.36
N VAL B 114 1.34 17.19 13.46
CA VAL B 114 2.13 17.54 14.63
C VAL B 114 1.57 16.74 15.80
N THR B 115 2.42 15.94 16.44
CA THR B 115 2.04 15.10 17.57
C THR B 115 2.84 15.52 18.79
N VAL B 116 2.14 16.01 19.81
CA VAL B 116 2.76 16.48 21.05
C VAL B 116 2.54 15.43 22.13
N SER B 117 3.64 14.83 22.60
CA SER B 117 3.55 13.74 23.55
C SER B 117 4.91 13.53 24.22
N SER B 118 4.89 13.18 25.50
CA SER B 118 6.11 12.83 26.22
C SER B 118 6.46 11.36 26.12
N ALA B 119 5.68 10.57 25.38
CA ALA B 119 5.94 9.15 25.27
C ALA B 119 7.20 8.88 24.45
N SER B 120 7.89 7.79 24.80
CA SER B 120 9.06 7.35 24.06
C SER B 120 8.65 6.32 23.01
N THR B 121 9.46 6.22 21.96
CA THR B 121 9.20 5.26 20.89
C THR B 121 9.17 3.84 21.46
N LYS B 122 8.11 3.11 21.14
CA LYS B 122 7.93 1.76 21.68
C LYS B 122 7.15 0.92 20.68
N GLY B 123 7.63 -0.31 20.47
CA GLY B 123 6.94 -1.24 19.60
C GLY B 123 5.81 -1.95 20.31
N PRO B 124 4.84 -2.44 19.55
CA PRO B 124 3.66 -3.04 20.17
C PRO B 124 3.88 -4.50 20.58
N SER B 125 3.09 -4.91 21.56
CA SER B 125 2.86 -6.32 21.83
C SER B 125 1.61 -6.76 21.08
N VAL B 126 1.66 -7.95 20.49
CA VAL B 126 0.59 -8.46 19.64
C VAL B 126 -0.02 -9.68 20.31
N PHE B 127 -1.31 -9.59 20.65
CA PHE B 127 -2.00 -10.68 21.31
C PHE B 127 -3.12 -11.22 20.42
N PRO B 128 -3.37 -12.52 20.45
CA PRO B 128 -4.42 -13.10 19.60
C PRO B 128 -5.80 -12.81 20.15
N LEU B 129 -6.74 -12.57 19.24
CA LEU B 129 -8.16 -12.54 19.58
C LEU B 129 -8.74 -13.85 19.05
N ALA B 130 -8.72 -14.88 19.91
CA ALA B 130 -9.00 -16.26 19.50
C ALA B 130 -10.50 -16.53 19.48
N PRO B 131 -10.99 -17.21 18.44
CA PRO B 131 -12.41 -17.57 18.42
C PRO B 131 -12.71 -18.62 19.47
N SER B 132 -13.98 -18.67 19.88
CA SER B 132 -14.43 -19.62 20.89
C SER B 132 -15.29 -20.69 20.24
N SER B 133 -15.06 -21.95 20.66
CA SER B 133 -15.84 -23.08 20.19
C SER B 133 -17.12 -23.19 21.03
N LYS B 134 -17.98 -22.19 20.88
CA LYS B 134 -19.22 -22.11 21.65
C LYS B 134 -20.40 -21.86 20.73
N GLY B 138 -23.27 -18.82 14.43
CA GLY B 138 -24.31 -18.38 13.51
C GLY B 138 -23.86 -18.35 12.05
N GLY B 139 -22.87 -19.18 11.73
CA GLY B 139 -22.34 -19.31 10.40
C GLY B 139 -21.06 -18.52 10.16
N THR B 140 -20.85 -17.44 10.90
CA THR B 140 -19.64 -16.64 10.79
C THR B 140 -18.87 -16.72 12.10
N ALA B 141 -17.54 -16.75 12.00
CA ALA B 141 -16.66 -16.73 13.14
C ALA B 141 -15.72 -15.54 13.04
N ALA B 142 -15.36 -14.97 14.18
CA ALA B 142 -14.49 -13.81 14.23
C ALA B 142 -13.20 -14.15 14.97
N LEU B 143 -12.08 -13.67 14.43
CA LEU B 143 -10.79 -13.76 15.08
C LEU B 143 -10.02 -12.48 14.77
N GLY B 144 -8.88 -12.30 15.42
CA GLY B 144 -8.12 -11.10 15.18
C GLY B 144 -6.84 -11.04 16.00
N CYS B 145 -6.26 -9.85 16.01
CA CYS B 145 -5.03 -9.57 16.75
C CYS B 145 -5.17 -8.24 17.47
N LEU B 146 -4.76 -8.20 18.73
CA LEU B 146 -4.72 -6.98 19.51
C LEU B 146 -3.31 -6.42 19.46
N VAL B 147 -3.16 -5.20 18.96
CA VAL B 147 -1.87 -4.55 18.78
C VAL B 147 -1.79 -3.43 19.81
N LYS B 148 -1.10 -3.69 20.92
CA LYS B 148 -1.23 -2.88 22.13
C LYS B 148 0.09 -2.19 22.50
N ASP B 149 -0.04 -0.95 22.99
CA ASP B 149 1.03 -0.22 23.67
C ASP B 149 2.21 0.08 22.73
N TYR B 150 1.94 0.90 21.72
CA TYR B 150 3.00 1.36 20.83
C TYR B 150 2.95 2.88 20.70
N PHE B 151 4.08 3.43 20.24
CA PHE B 151 4.20 4.86 20.01
C PHE B 151 5.40 5.09 19.10
N PRO B 152 5.29 5.96 18.10
CA PRO B 152 4.10 6.70 17.68
C PRO B 152 3.29 5.95 16.65
N GLU B 153 2.19 6.54 16.18
CA GLU B 153 1.51 6.02 15.02
C GLU B 153 2.42 6.15 13.80
N PRO B 154 2.23 5.29 12.77
CA PRO B 154 1.22 4.23 12.68
C PRO B 154 1.80 2.83 12.80
N VAL B 155 0.93 1.83 12.87
CA VAL B 155 1.29 0.45 12.61
C VAL B 155 0.52 0.02 11.37
N THR B 156 1.04 -0.99 10.69
CA THR B 156 0.35 -1.62 9.58
C THR B 156 0.09 -3.07 9.95
N VAL B 157 -1.09 -3.57 9.55
CA VAL B 157 -1.49 -4.94 9.81
C VAL B 157 -1.97 -5.54 8.49
N SER B 158 -1.42 -6.70 8.15
CA SER B 158 -1.92 -7.53 7.06
C SER B 158 -2.24 -8.90 7.62
N TRP B 159 -2.92 -9.71 6.80
CA TRP B 159 -3.27 -11.07 7.18
C TRP B 159 -2.77 -12.02 6.11
N ASN B 160 -2.01 -13.02 6.53
CA ASN B 160 -1.39 -13.99 5.62
C ASN B 160 -0.61 -13.29 4.52
N SER B 161 0.16 -12.26 4.92
CA SER B 161 1.01 -11.49 4.03
C SER B 161 0.21 -10.81 2.91
N GLY B 162 -1.02 -10.43 3.21
CA GLY B 162 -1.87 -9.76 2.25
C GLY B 162 -2.74 -10.68 1.41
N ALA B 163 -2.61 -12.00 1.57
CA ALA B 163 -3.45 -12.93 0.82
C ALA B 163 -4.88 -12.94 1.32
N LEU B 164 -5.12 -12.53 2.57
CA LEU B 164 -6.45 -12.49 3.16
C LEU B 164 -6.85 -11.04 3.37
N THR B 165 -7.87 -10.59 2.64
CA THR B 165 -8.34 -9.22 2.77
C THR B 165 -9.85 -9.14 2.98
N SER B 166 -10.60 -10.10 2.45
CA SER B 166 -12.06 -10.08 2.62
C SER B 166 -12.41 -10.31 4.07
N GLY B 167 -13.32 -9.47 4.59
CA GLY B 167 -13.76 -9.58 5.96
C GLY B 167 -12.83 -8.98 6.99
N VAL B 168 -11.71 -8.40 6.57
CA VAL B 168 -10.76 -7.81 7.51
C VAL B 168 -11.22 -6.41 7.88
N HIS B 169 -11.23 -6.12 9.18
CA HIS B 169 -11.44 -4.76 9.70
C HIS B 169 -10.28 -4.43 10.62
N THR B 170 -9.45 -3.47 10.23
CA THR B 170 -8.40 -2.94 11.08
C THR B 170 -8.90 -1.60 11.62
N PHE B 171 -9.13 -1.53 12.93
CA PHE B 171 -9.79 -0.39 13.51
C PHE B 171 -8.81 0.78 13.68
N PRO B 172 -9.32 2.01 13.71
CA PRO B 172 -8.46 3.15 14.05
C PRO B 172 -7.88 2.96 15.43
N ALA B 173 -6.62 3.37 15.58
CA ALA B 173 -5.97 3.28 16.89
C ALA B 173 -6.65 4.20 17.89
N VAL B 174 -6.57 3.81 19.16
CA VAL B 174 -7.04 4.65 20.25
C VAL B 174 -5.84 5.07 21.07
N LEU B 175 -5.87 6.29 21.58
CA LEU B 175 -4.83 6.79 22.46
C LEU B 175 -5.23 6.46 23.90
N GLN B 176 -4.45 5.62 24.56
CA GLN B 176 -4.75 5.24 25.92
C GLN B 176 -4.29 6.32 26.89
N SER B 177 -4.75 6.22 28.14
CA SER B 177 -4.34 7.17 29.16
C SER B 177 -2.85 7.09 29.45
N SER B 178 -2.20 5.97 29.08
CA SER B 178 -0.77 5.81 29.26
C SER B 178 0.05 6.63 28.27
N GLY B 179 -0.58 7.20 27.24
CA GLY B 179 0.14 7.84 26.16
C GLY B 179 0.51 6.92 25.03
N LEU B 180 0.23 5.62 25.14
CA LEU B 180 0.52 4.64 24.11
C LEU B 180 -0.74 4.32 23.33
N TYR B 181 -0.55 3.93 22.07
CA TYR B 181 -1.68 3.61 21.20
C TYR B 181 -1.97 2.12 21.25
N SER B 182 -3.18 1.77 20.81
CA SER B 182 -3.60 0.39 20.73
C SER B 182 -4.67 0.27 19.65
N LEU B 183 -4.66 -0.83 18.92
CA LEU B 183 -5.73 -1.09 17.97
C LEU B 183 -5.94 -2.59 17.87
N SER B 184 -7.09 -2.95 17.32
CA SER B 184 -7.40 -4.32 16.98
C SER B 184 -7.61 -4.43 15.48
N SER B 185 -7.24 -5.59 14.94
CA SER B 185 -7.54 -5.96 13.56
C SER B 185 -8.24 -7.31 13.60
N VAL B 186 -9.42 -7.40 13.01
CA VAL B 186 -10.24 -8.60 13.10
C VAL B 186 -10.61 -9.06 11.70
N VAL B 187 -10.91 -10.36 11.60
N VAL B 187 -10.93 -10.35 11.60
CA VAL B 187 -11.36 -10.99 10.36
CA VAL B 187 -11.37 -10.95 10.34
C VAL B 187 -12.58 -11.84 10.69
C VAL B 187 -12.54 -11.87 10.65
N THR B 188 -13.60 -11.77 9.84
CA THR B 188 -14.76 -12.63 9.95
C THR B 188 -14.76 -13.57 8.75
N VAL B 189 -14.98 -14.85 9.00
CA VAL B 189 -14.93 -15.88 7.97
C VAL B 189 -16.12 -16.81 8.16
N PRO B 190 -16.48 -17.57 7.12
CA PRO B 190 -17.47 -18.63 7.30
C PRO B 190 -17.00 -19.60 8.38
N SER B 191 -17.97 -20.11 9.15
CA SER B 191 -17.63 -20.97 10.28
CA SER B 191 -17.63 -20.97 10.28
C SER B 191 -16.82 -22.20 9.84
N SER B 192 -17.09 -22.71 8.64
CA SER B 192 -16.36 -23.87 8.16
C SER B 192 -14.89 -23.57 7.84
N SER B 193 -14.49 -22.29 7.76
CA SER B 193 -13.14 -21.91 7.38
C SER B 193 -12.15 -21.87 8.54
N LEU B 194 -12.62 -22.13 9.76
CA LEU B 194 -11.75 -22.03 10.92
C LEU B 194 -10.66 -23.09 10.92
N GLY B 195 -10.96 -24.25 10.40
CA GLY B 195 -10.05 -25.38 10.39
C GLY B 195 -9.40 -25.62 9.05
N THR B 196 -9.85 -24.93 8.00
CA THR B 196 -9.36 -25.17 6.65
C THR B 196 -8.28 -24.19 6.21
N GLN B 197 -7.88 -23.28 7.10
CA GLN B 197 -6.93 -22.24 6.76
C GLN B 197 -6.18 -21.81 8.01
N THR B 198 -4.94 -21.39 7.81
CA THR B 198 -4.16 -20.75 8.87
C THR B 198 -4.41 -19.25 8.79
N TYR B 199 -4.41 -18.60 9.96
CA TYR B 199 -4.62 -17.15 10.03
C TYR B 199 -3.46 -16.54 10.80
N ILE B 200 -2.70 -15.68 10.11
CA ILE B 200 -1.52 -15.04 10.67
C ILE B 200 -1.64 -13.54 10.43
N CYS B 201 -1.55 -12.75 11.49
CA CYS B 201 -1.54 -11.30 11.37
C CYS B 201 -0.09 -10.81 11.34
N ASN B 202 0.24 -10.00 10.35
CA ASN B 202 1.58 -9.46 10.16
C ASN B 202 1.55 -8.00 10.60
N VAL B 203 2.20 -7.70 11.73
CA VAL B 203 2.18 -6.38 12.34
C VAL B 203 3.54 -5.72 12.13
N ASN B 204 3.54 -4.50 11.62
CA ASN B 204 4.76 -3.74 11.36
C ASN B 204 4.66 -2.36 12.02
N HIS B 205 5.67 -2.02 12.82
CA HIS B 205 5.77 -0.69 13.44
C HIS B 205 7.15 -0.14 13.06
N LYS B 206 7.18 0.64 11.97
CA LYS B 206 8.45 1.13 11.46
C LYS B 206 9.19 2.06 12.42
N PRO B 207 8.55 2.98 13.15
CA PRO B 207 9.32 3.85 14.06
C PRO B 207 10.22 3.09 15.04
N SER B 208 9.82 1.90 15.48
CA SER B 208 10.65 1.09 16.35
C SER B 208 11.29 -0.09 15.62
N ASN B 209 11.11 -0.19 14.31
CA ASN B 209 11.63 -1.32 13.52
C ASN B 209 11.17 -2.65 14.12
N THR B 210 9.90 -2.73 14.49
CA THR B 210 9.32 -3.90 15.10
C THR B 210 8.48 -4.66 14.09
N LYS B 211 8.73 -5.96 13.96
CA LYS B 211 7.91 -6.85 13.15
C LYS B 211 7.45 -8.03 14.00
N VAL B 212 6.14 -8.28 14.01
CA VAL B 212 5.57 -9.39 14.76
C VAL B 212 4.57 -10.11 13.85
N ASP B 213 4.75 -11.43 13.73
CA ASP B 213 3.78 -12.31 13.09
C ASP B 213 3.15 -13.18 14.17
N LYS B 214 1.82 -13.21 14.21
CA LYS B 214 1.11 -13.97 15.22
C LYS B 214 0.09 -14.89 14.55
N LYS B 215 0.25 -16.19 14.76
CA LYS B 215 -0.75 -17.15 14.31
C LYS B 215 -1.88 -17.18 15.31
N VAL B 216 -3.11 -17.03 14.81
CA VAL B 216 -4.31 -16.97 15.66
C VAL B 216 -5.12 -18.24 15.41
N GLU B 217 -5.33 -19.01 16.47
CA GLU B 217 -6.03 -20.28 16.43
C GLU B 217 -6.92 -20.39 17.67
N PRO B 218 -7.97 -21.21 17.61
CA PRO B 218 -8.82 -21.36 18.80
C PRO B 218 -8.02 -21.90 19.98
N LYS B 219 -8.35 -21.41 21.16
CA LYS B 219 -7.60 -21.73 22.36
C LYS B 219 -8.05 -23.07 22.94
N SER B 220 -7.12 -23.75 23.62
CA SER B 220 -7.40 -25.06 24.22
C SER B 220 -8.54 -25.01 25.23
N GLU C 1 28.46 -33.80 -9.13
CA GLU C 1 27.53 -32.70 -9.39
C GLU C 1 26.80 -32.90 -10.72
N ILE C 2 25.54 -32.47 -10.77
CA ILE C 2 24.71 -32.62 -11.95
C ILE C 2 24.10 -31.27 -12.30
N VAL C 3 24.16 -30.90 -13.57
CA VAL C 3 23.63 -29.62 -14.05
C VAL C 3 22.53 -29.91 -15.06
N LEU C 4 21.37 -29.28 -14.85
CA LEU C 4 20.27 -29.32 -15.80
C LEU C 4 20.28 -28.05 -16.65
N THR C 5 20.09 -28.23 -17.95
CA THR C 5 19.91 -27.10 -18.86
C THR C 5 18.69 -27.35 -19.74
N GLN C 6 17.99 -26.26 -20.06
CA GLN C 6 16.71 -26.34 -20.75
C GLN C 6 16.76 -25.61 -22.09
N SER C 7 15.88 -26.04 -23.00
CA SER C 7 15.80 -25.50 -24.34
C SER C 7 14.38 -25.57 -24.84
N PRO C 8 13.91 -24.55 -25.57
CA PRO C 8 14.60 -23.30 -25.89
C PRO C 8 14.49 -22.32 -24.73
N ALA C 9 15.09 -21.13 -24.84
CA ALA C 9 14.85 -20.11 -23.84
C ALA C 9 13.41 -19.62 -23.91
N THR C 10 12.95 -19.31 -25.11
CA THR C 10 11.58 -18.85 -25.34
C THR C 10 10.95 -19.70 -26.44
N LEU C 11 9.79 -20.27 -26.14
CA LEU C 11 9.03 -21.05 -27.11
C LEU C 11 7.78 -20.24 -27.46
N SER C 12 7.70 -19.81 -28.73
CA SER C 12 6.64 -18.92 -29.20
C SER C 12 5.66 -19.74 -30.03
N LEU C 13 4.46 -19.92 -29.50
CA LEU C 13 3.46 -20.76 -30.16
C LEU C 13 2.09 -20.12 -30.04
N SER C 14 1.20 -20.52 -30.96
CA SER C 14 -0.18 -20.07 -30.93
C SER C 14 -1.01 -20.95 -30.00
N PRO C 15 -2.11 -20.43 -29.46
CA PRO C 15 -3.00 -21.29 -28.66
C PRO C 15 -3.48 -22.49 -29.47
N GLY C 16 -3.56 -23.63 -28.80
CA GLY C 16 -3.92 -24.87 -29.46
C GLY C 16 -2.79 -25.61 -30.12
N ALA C 17 -1.58 -25.04 -30.14
CA ALA C 17 -0.43 -25.70 -30.74
C ALA C 17 0.19 -26.69 -29.78
N ARG C 18 0.95 -27.63 -30.33
CA ARG C 18 1.69 -28.59 -29.52
C ARG C 18 3.02 -27.98 -29.08
N ALA C 19 3.33 -28.08 -27.79
CA ALA C 19 4.53 -27.51 -27.23
C ALA C 19 5.47 -28.62 -26.78
N THR C 20 6.74 -28.55 -27.23
CA THR C 20 7.76 -29.52 -26.87
C THR C 20 8.91 -28.79 -26.19
N LEU C 21 9.10 -29.07 -24.90
CA LEU C 21 10.14 -28.44 -24.09
C LEU C 21 11.19 -29.49 -23.74
N SER C 22 12.46 -29.09 -23.73
CA SER C 22 13.56 -30.02 -23.52
C SER C 22 14.30 -29.70 -22.23
N CYS C 23 14.75 -30.76 -21.56
CA CYS C 23 15.62 -30.66 -20.38
C CYS C 23 16.77 -31.64 -20.56
N ARG C 24 17.98 -31.20 -20.23
CA ARG C 24 19.17 -32.00 -20.38
C ARG C 24 19.92 -32.06 -19.07
N ALA C 25 20.35 -33.26 -18.68
CA ALA C 25 21.16 -33.45 -17.49
C ALA C 25 22.60 -33.72 -17.89
N SER C 26 23.54 -33.17 -17.11
CA SER C 26 24.96 -33.33 -17.43
C SER C 26 25.42 -34.77 -17.30
N GLN C 27 24.79 -35.53 -16.40
CA GLN C 27 25.00 -36.96 -16.26
C GLN C 27 23.64 -37.62 -16.12
N SER C 28 23.61 -38.95 -16.23
CA SER C 28 22.35 -39.67 -16.16
C SER C 28 21.69 -39.48 -14.80
N VAL C 29 20.38 -39.23 -14.81
CA VAL C 29 19.58 -39.18 -13.60
C VAL C 29 18.48 -40.25 -13.62
N ASP C 30 18.65 -41.27 -14.47
CA ASP C 30 17.67 -42.35 -14.63
C ASP C 30 16.36 -41.70 -15.06
N THR C 31 15.24 -41.89 -14.34
CA THR C 31 14.01 -41.18 -14.61
C THR C 31 13.61 -40.25 -13.48
N TYR C 32 14.56 -39.84 -12.64
CA TYR C 32 14.27 -39.00 -11.48
C TYR C 32 14.32 -37.54 -11.93
N LEU C 33 13.27 -37.12 -12.62
CA LEU C 33 13.17 -35.75 -13.10
C LEU C 33 11.75 -35.26 -12.91
N ALA C 34 11.62 -34.00 -12.51
CA ALA C 34 10.32 -33.37 -12.34
C ALA C 34 10.24 -32.10 -13.18
N TRP C 35 9.01 -31.72 -13.53
CA TRP C 35 8.71 -30.49 -14.25
C TRP C 35 7.77 -29.63 -13.41
N TYR C 36 8.05 -28.32 -13.37
CA TYR C 36 7.21 -27.37 -12.66
C TYR C 36 6.72 -26.31 -13.63
N GLN C 37 5.53 -25.79 -13.34
CA GLN C 37 4.95 -24.67 -14.06
C GLN C 37 4.90 -23.47 -13.12
N GLN C 38 5.31 -22.31 -13.62
CA GLN C 38 5.16 -21.08 -12.86
C GLN C 38 4.51 -20.02 -13.75
N ARG C 39 3.24 -19.73 -13.49
CA ARG C 39 2.58 -18.62 -14.16
C ARG C 39 3.04 -17.31 -13.55
N ARG C 40 2.97 -16.25 -14.36
CA ARG C 40 3.40 -14.93 -13.93
C ARG C 40 2.72 -14.52 -12.62
N GLY C 41 3.52 -14.17 -11.63
CA GLY C 41 3.02 -13.71 -10.35
C GLY C 41 2.55 -14.81 -9.41
N GLN C 42 2.67 -16.07 -9.80
CA GLN C 42 2.22 -17.18 -8.96
C GLN C 42 3.41 -18.02 -8.52
N SER C 43 3.15 -18.86 -7.51
CA SER C 43 4.14 -19.84 -7.07
C SER C 43 4.29 -20.94 -8.13
N PRO C 44 5.45 -21.58 -8.19
CA PRO C 44 5.56 -22.78 -9.04
C PRO C 44 4.65 -23.88 -8.52
N ARG C 45 4.32 -24.81 -9.40
CA ARG C 45 3.54 -25.98 -9.02
C ARG C 45 4.07 -27.21 -9.76
N LEU C 46 4.01 -28.34 -9.09
CA LEU C 46 4.47 -29.59 -9.68
C LEU C 46 3.53 -30.04 -10.79
N LEU C 47 4.09 -30.29 -11.98
CA LEU C 47 3.35 -30.85 -13.10
C LEU C 47 3.56 -32.34 -13.26
N ILE C 48 4.82 -32.76 -13.29
CA ILE C 48 5.20 -34.12 -13.66
C ILE C 48 6.39 -34.53 -12.79
N TYR C 49 6.42 -35.79 -12.37
CA TYR C 49 7.52 -36.30 -11.57
C TYR C 49 7.86 -37.70 -12.06
N ASP C 50 9.05 -38.17 -11.70
CA ASP C 50 9.59 -39.43 -12.21
C ASP C 50 9.51 -39.46 -13.74
N ALA C 51 9.82 -38.31 -14.34
CA ALA C 51 9.92 -38.10 -15.79
C ALA C 51 8.58 -38.13 -16.51
N SER C 52 7.63 -38.97 -16.07
CA SER C 52 6.43 -39.18 -16.88
C SER C 52 5.13 -39.29 -16.09
N LYS C 53 5.14 -39.14 -14.77
CA LYS C 53 3.93 -39.26 -13.97
C LYS C 53 3.35 -37.89 -13.71
N ARG C 54 2.05 -37.72 -13.94
CA ARG C 54 1.38 -36.46 -13.66
C ARG C 54 1.07 -36.34 -12.17
N ALA C 55 1.36 -35.18 -11.59
CA ALA C 55 0.91 -34.90 -10.24
C ALA C 55 -0.61 -34.87 -10.19
N THR C 56 -1.14 -34.99 -8.97
CA THR C 56 -2.59 -35.07 -8.82
C THR C 56 -3.26 -33.82 -9.37
N GLY C 57 -4.35 -34.02 -10.10
CA GLY C 57 -5.13 -32.93 -10.65
C GLY C 57 -4.58 -32.32 -11.93
N ILE C 58 -3.38 -32.68 -12.35
CA ILE C 58 -2.79 -32.06 -13.56
C ILE C 58 -3.49 -32.61 -14.80
N PRO C 59 -3.94 -31.75 -15.71
CA PRO C 59 -4.71 -32.23 -16.87
C PRO C 59 -3.87 -33.08 -17.81
N ALA C 60 -4.58 -33.91 -18.58
CA ALA C 60 -3.93 -34.96 -19.36
C ALA C 60 -3.12 -34.43 -20.54
N ARG C 61 -3.32 -33.17 -20.93
CA ARG C 61 -2.56 -32.64 -22.06
C ARG C 61 -1.09 -32.46 -21.74
N PHE C 62 -0.71 -32.51 -20.46
CA PHE C 62 0.69 -32.50 -20.06
C PHE C 62 1.20 -33.93 -19.99
N SER C 63 2.30 -34.20 -20.69
CA SER C 63 2.96 -35.49 -20.64
C SER C 63 4.47 -35.28 -20.62
N GLY C 64 5.17 -36.16 -19.93
CA GLY C 64 6.63 -36.12 -19.89
C GLY C 64 7.19 -37.45 -20.34
N SER C 65 8.41 -37.41 -20.89
CA SER C 65 9.06 -38.63 -21.35
C SER C 65 10.57 -38.43 -21.28
N GLY C 66 11.29 -39.51 -21.51
CA GLY C 66 12.74 -39.50 -21.53
C GLY C 66 13.34 -40.19 -20.32
N SER C 67 14.65 -40.43 -20.42
CA SER C 67 15.42 -41.08 -19.37
CA SER C 67 15.41 -41.04 -19.35
C SER C 67 16.88 -40.72 -19.57
N GLY C 68 17.69 -40.98 -18.54
CA GLY C 68 19.11 -40.72 -18.64
C GLY C 68 19.46 -39.24 -18.65
N THR C 69 19.73 -38.70 -19.84
CA THR C 69 20.20 -37.33 -19.96
C THR C 69 19.29 -36.40 -20.76
N ASP C 70 18.34 -36.93 -21.53
CA ASP C 70 17.47 -36.11 -22.37
C ASP C 70 16.01 -36.34 -22.00
N PHE C 71 15.29 -35.26 -21.71
CA PHE C 71 13.91 -35.34 -21.27
C PHE C 71 13.06 -34.36 -22.06
N THR C 72 11.75 -34.62 -22.08
CA THR C 72 10.82 -33.82 -22.86
C THR C 72 9.53 -33.64 -22.08
N LEU C 73 9.08 -32.38 -21.95
CA LEU C 73 7.73 -32.07 -21.53
C LEU C 73 6.91 -31.70 -22.76
N THR C 74 5.77 -32.35 -22.93
CA THR C 74 4.90 -32.11 -24.08
C THR C 74 3.56 -31.58 -23.60
N ILE C 75 3.11 -30.48 -24.19
CA ILE C 75 1.75 -29.98 -24.01
C ILE C 75 1.04 -30.20 -25.34
N SER C 76 0.10 -31.14 -25.37
CA SER C 76 -0.47 -31.57 -26.65
C SER C 76 -1.23 -30.45 -27.34
N SER C 77 -1.81 -29.53 -26.57
CA SER C 77 -2.55 -28.41 -27.13
C SER C 77 -2.56 -27.29 -26.10
N LEU C 78 -1.99 -26.14 -26.45
CA LEU C 78 -1.81 -25.05 -25.50
C LEU C 78 -3.14 -24.37 -25.20
N GLU C 79 -3.51 -24.34 -23.93
CA GLU C 79 -4.62 -23.55 -23.41
C GLU C 79 -4.10 -22.21 -22.94
N PRO C 80 -4.98 -21.21 -22.78
CA PRO C 80 -4.49 -19.87 -22.38
C PRO C 80 -3.66 -19.88 -21.12
N GLU C 81 -4.05 -20.69 -20.12
CA GLU C 81 -3.30 -20.73 -18.87
C GLU C 81 -1.95 -21.44 -18.99
N ASP C 82 -1.65 -22.06 -20.13
CA ASP C 82 -0.40 -22.77 -20.30
C ASP C 82 0.77 -21.86 -20.66
N PHE C 83 0.53 -20.61 -21.03
CA PHE C 83 1.62 -19.71 -21.35
C PHE C 83 2.25 -19.23 -20.05
N ALA C 84 3.45 -19.72 -19.77
CA ALA C 84 4.09 -19.61 -18.47
C ALA C 84 5.53 -20.09 -18.61
N VAL C 85 6.25 -20.08 -17.49
CA VAL C 85 7.62 -20.56 -17.45
C VAL C 85 7.64 -21.95 -16.82
N TYR C 86 8.44 -22.84 -17.40
CA TYR C 86 8.53 -24.23 -16.96
C TYR C 86 9.97 -24.55 -16.54
N TYR C 87 10.11 -25.25 -15.42
CA TYR C 87 11.41 -25.65 -14.89
C TYR C 87 11.47 -27.16 -14.72
N CYS C 88 12.62 -27.74 -15.03
CA CYS C 88 12.89 -29.12 -14.66
C CYS C 88 13.78 -29.15 -13.42
N GLN C 89 13.78 -30.30 -12.75
CA GLN C 89 14.41 -30.44 -11.45
C GLN C 89 14.91 -31.87 -11.26
N GLN C 90 16.08 -32.01 -10.64
CA GLN C 90 16.66 -33.30 -10.31
C GLN C 90 17.19 -33.25 -8.89
N ARG C 91 17.66 -34.41 -8.41
CA ARG C 91 18.20 -34.53 -7.06
C ARG C 91 19.35 -35.53 -7.12
N ASN C 92 20.56 -35.09 -6.74
CA ASN C 92 21.75 -35.91 -6.87
C ASN C 92 22.39 -36.15 -5.52
N ASN C 93 22.77 -37.41 -5.27
CA ASN C 93 23.48 -37.83 -4.06
C ASN C 93 22.69 -37.53 -2.78
N TRP C 94 21.36 -37.64 -2.88
CA TRP C 94 20.44 -37.57 -1.74
C TRP C 94 20.33 -36.19 -1.11
N ARG C 95 21.32 -35.30 -1.33
CA ARG C 95 21.39 -34.08 -0.53
C ARG C 95 21.51 -32.81 -1.35
N THR C 96 21.36 -32.88 -2.67
CA THR C 96 21.37 -31.69 -3.52
C THR C 96 20.19 -31.76 -4.48
N TRP C 97 19.45 -30.66 -4.57
CA TRP C 97 18.34 -30.51 -5.51
C TRP C 97 18.64 -29.31 -6.40
N THR C 98 18.55 -29.49 -7.72
CA THR C 98 18.85 -28.42 -8.66
C THR C 98 17.75 -28.30 -9.70
N PHE C 99 17.69 -27.12 -10.33
CA PHE C 99 16.73 -26.82 -11.38
C PHE C 99 17.46 -26.50 -12.68
N GLY C 100 16.74 -26.65 -13.79
CA GLY C 100 17.16 -26.04 -15.04
C GLY C 100 16.87 -24.54 -15.01
N GLN C 101 17.35 -23.83 -16.03
CA GLN C 101 17.23 -22.37 -15.98
C GLN C 101 15.90 -21.86 -16.50
N GLY C 102 15.03 -22.74 -16.99
CA GLY C 102 13.66 -22.35 -17.28
C GLY C 102 13.41 -22.12 -18.76
N THR C 103 12.18 -22.42 -19.19
CA THR C 103 11.73 -22.18 -20.55
C THR C 103 10.41 -21.44 -20.50
N LYS C 104 10.33 -20.31 -21.20
CA LYS C 104 9.12 -19.49 -21.26
C LYS C 104 8.34 -19.86 -22.51
N VAL C 105 7.06 -20.22 -22.32
CA VAL C 105 6.14 -20.46 -23.42
C VAL C 105 5.33 -19.18 -23.61
N GLU C 106 5.50 -18.53 -24.75
CA GLU C 106 4.90 -17.23 -25.00
C GLU C 106 3.95 -17.31 -26.19
N ILE C 107 3.04 -16.34 -26.26
CA ILE C 107 2.00 -16.32 -27.28
C ILE C 107 2.59 -15.77 -28.59
N ASN C 108 2.55 -16.60 -29.62
CA ASN C 108 3.00 -16.19 -30.95
C ASN C 108 1.98 -15.26 -31.59
N ARG C 109 2.48 -14.29 -32.35
CA ARG C 109 1.62 -13.39 -33.11
C ARG C 109 2.42 -12.83 -34.27
N THR C 110 1.72 -12.10 -35.15
CA THR C 110 2.38 -11.49 -36.30
C THR C 110 3.34 -10.39 -35.85
N VAL C 111 4.38 -10.17 -36.65
CA VAL C 111 5.40 -9.19 -36.30
C VAL C 111 4.80 -7.80 -36.25
N ALA C 112 5.14 -7.06 -35.20
CA ALA C 112 4.74 -5.66 -35.06
C ALA C 112 5.96 -4.83 -34.76
N ALA C 113 6.20 -3.79 -35.57
CA ALA C 113 7.34 -2.93 -35.35
C ALA C 113 7.11 -2.01 -34.15
N PRO C 114 8.16 -1.68 -33.41
CA PRO C 114 7.99 -0.77 -32.28
C PRO C 114 7.81 0.67 -32.73
N SER C 115 7.06 1.42 -31.93
CA SER C 115 6.97 2.86 -32.04
C SER C 115 7.95 3.47 -31.03
N VAL C 116 8.88 4.29 -31.52
CA VAL C 116 10.01 4.75 -30.72
C VAL C 116 9.79 6.21 -30.35
N PHE C 117 10.02 6.53 -29.07
CA PHE C 117 9.94 7.89 -28.56
C PHE C 117 11.14 8.14 -27.66
N ILE C 118 11.65 9.37 -27.69
CA ILE C 118 12.77 9.76 -26.84
C ILE C 118 12.34 10.96 -26.00
N PHE C 119 12.73 10.95 -24.73
CA PHE C 119 12.32 11.97 -23.77
C PHE C 119 13.56 12.64 -23.19
N PRO C 120 13.74 13.94 -23.38
CA PRO C 120 14.88 14.64 -22.76
C PRO C 120 14.72 14.71 -21.26
N PRO C 121 15.80 14.98 -20.52
CA PRO C 121 15.67 15.24 -19.08
C PRO C 121 14.83 16.48 -18.84
N SER C 122 14.03 16.43 -17.78
CA SER C 122 13.23 17.59 -17.39
C SER C 122 14.10 18.65 -16.75
N ASP C 123 13.66 19.91 -16.83
CA ASP C 123 14.37 20.98 -16.15
C ASP C 123 14.41 20.74 -14.65
N GLU C 124 13.36 20.15 -14.09
CA GLU C 124 13.32 19.88 -12.66
C GLU C 124 14.44 18.94 -12.24
N GLN C 125 14.63 17.85 -13.00
CA GLN C 125 15.69 16.91 -12.66
C GLN C 125 17.07 17.46 -12.94
N LEU C 126 17.21 18.27 -13.99
CA LEU C 126 18.50 18.86 -14.32
C LEU C 126 18.99 19.77 -13.21
N LYS C 127 18.08 20.35 -12.42
CA LYS C 127 18.46 21.14 -11.26
C LYS C 127 18.93 20.30 -10.09
N SER C 128 18.89 18.97 -10.21
CA SER C 128 19.37 18.07 -9.18
C SER C 128 20.76 17.52 -9.46
N GLY C 129 21.33 17.80 -10.63
CA GLY C 129 22.66 17.33 -10.99
C GLY C 129 22.70 16.03 -11.78
N THR C 130 21.56 15.41 -12.04
CA THR C 130 21.49 14.15 -12.78
C THR C 130 20.52 14.29 -13.94
N ALA C 131 20.88 13.70 -15.08
CA ALA C 131 20.08 13.77 -16.29
C ALA C 131 19.66 12.37 -16.69
N SER C 132 18.36 12.18 -16.93
CA SER C 132 17.80 10.90 -17.36
C SER C 132 17.19 11.07 -18.74
N VAL C 133 17.72 10.33 -19.71
CA VAL C 133 17.19 10.32 -21.07
C VAL C 133 16.50 8.98 -21.28
N VAL C 134 15.20 9.01 -21.53
CA VAL C 134 14.38 7.80 -21.63
C VAL C 134 14.01 7.57 -23.09
N CYS C 135 14.16 6.33 -23.56
CA CYS C 135 13.75 5.92 -24.88
C CYS C 135 12.69 4.83 -24.75
N LEU C 136 11.57 5.00 -25.44
CA LEU C 136 10.42 4.12 -25.32
C LEU C 136 10.19 3.35 -26.61
N LEU C 137 10.08 2.03 -26.49
CA LEU C 137 9.71 1.15 -27.59
C LEU C 137 8.33 0.57 -27.26
N ASN C 138 7.34 0.90 -28.08
CA ASN C 138 5.94 0.64 -27.74
C ASN C 138 5.33 -0.41 -28.65
N ASN C 139 4.72 -1.43 -28.04
CA ASN C 139 3.84 -2.40 -28.71
C ASN C 139 4.53 -3.06 -29.90
N PHE C 140 5.54 -3.86 -29.60
CA PHE C 140 6.28 -4.58 -30.63
C PHE C 140 6.26 -6.08 -30.34
N TYR C 141 6.56 -6.85 -31.40
CA TYR C 141 6.70 -8.30 -31.31
C TYR C 141 7.50 -8.74 -32.52
N PRO C 142 8.47 -9.65 -32.37
CA PRO C 142 8.83 -10.41 -31.16
C PRO C 142 9.64 -9.64 -30.12
N ARG C 143 10.06 -10.35 -29.07
CA ARG C 143 10.68 -9.71 -27.92
C ARG C 143 12.04 -9.11 -28.25
N GLU C 144 12.81 -9.78 -29.11
CA GLU C 144 14.18 -9.37 -29.35
C GLU C 144 14.25 -7.95 -29.91
N ALA C 145 14.94 -7.06 -29.20
CA ALA C 145 15.12 -5.68 -29.63
C ALA C 145 16.46 -5.19 -29.10
N LYS C 146 17.20 -4.50 -29.95
CA LYS C 146 18.50 -3.94 -29.59
C LYS C 146 18.39 -2.42 -29.59
N VAL C 147 18.56 -1.80 -28.43
CA VAL C 147 18.58 -0.35 -28.30
C VAL C 147 20.01 0.09 -28.04
N GLN C 148 20.40 1.19 -28.67
CA GLN C 148 21.76 1.71 -28.55
C GLN C 148 21.70 3.21 -28.34
N TRP C 149 22.44 3.70 -27.36
CA TRP C 149 22.53 5.12 -27.07
C TRP C 149 23.78 5.70 -27.73
N LYS C 150 23.59 6.77 -28.51
CA LYS C 150 24.69 7.51 -29.13
C LYS C 150 24.61 8.97 -28.72
N VAL C 151 25.74 9.52 -28.25
CA VAL C 151 25.85 10.85 -27.70
C VAL C 151 26.91 11.57 -28.55
N ASP C 152 26.46 12.55 -29.33
CA ASP C 152 27.25 13.12 -30.45
C ASP C 152 27.87 12.05 -31.33
N ASN C 153 27.06 11.07 -31.74
CA ASN C 153 27.49 9.96 -32.59
C ASN C 153 28.60 9.13 -31.93
N ALA C 154 28.58 9.05 -30.61
CA ALA C 154 29.50 8.21 -29.84
C ALA C 154 28.69 7.18 -29.07
N LEU C 155 28.91 5.91 -29.37
CA LEU C 155 28.14 4.83 -28.77
C LEU C 155 28.40 4.76 -27.26
N GLN C 156 27.32 4.59 -26.50
CA GLN C 156 27.37 4.53 -25.05
C GLN C 156 27.42 3.09 -24.56
N SER C 157 27.97 2.91 -23.35
CA SER C 157 28.13 1.59 -22.77
C SER C 157 28.22 1.72 -21.26
N GLY C 158 27.46 0.89 -20.55
CA GLY C 158 27.53 0.81 -19.11
C GLY C 158 26.73 1.85 -18.35
N ASN C 159 26.06 2.78 -19.04
CA ASN C 159 25.31 3.84 -18.38
C ASN C 159 23.83 3.82 -18.77
N SER C 160 23.29 2.64 -19.06
CA SER C 160 21.89 2.51 -19.42
C SER C 160 21.32 1.24 -18.83
N GLN C 161 20.02 1.27 -18.52
CA GLN C 161 19.28 0.12 -18.03
C GLN C 161 17.97 0.00 -18.79
N GLU C 162 17.55 -1.23 -19.06
CA GLU C 162 16.31 -1.52 -19.77
C GLU C 162 15.29 -2.14 -18.84
N SER C 163 14.02 -1.88 -19.15
CA SER C 163 12.89 -2.49 -18.46
C SER C 163 11.84 -2.84 -19.50
N VAL C 164 11.20 -4.00 -19.35
CA VAL C 164 10.28 -4.52 -20.35
C VAL C 164 9.00 -5.00 -19.67
N THR C 165 7.86 -4.78 -20.32
CA THR C 165 6.59 -5.27 -19.81
C THR C 165 6.41 -6.74 -20.19
N GLU C 166 5.47 -7.38 -19.52
CA GLU C 166 5.01 -8.69 -19.96
C GLU C 166 4.14 -8.53 -21.19
N GLN C 167 3.93 -9.64 -21.91
CA GLN C 167 3.05 -9.62 -23.07
C GLN C 167 1.70 -9.01 -22.70
N ASP C 168 1.24 -8.07 -23.52
CA ASP C 168 -0.01 -7.38 -23.23
C ASP C 168 -1.16 -8.37 -23.23
N SER C 169 -2.06 -8.21 -22.25
CA SER C 169 -3.17 -9.14 -22.09
C SER C 169 -4.03 -9.22 -23.34
N LYS C 170 -4.08 -8.15 -24.13
CA LYS C 170 -4.92 -8.10 -25.32
C LYS C 170 -4.16 -8.43 -26.60
N ASP C 171 -3.18 -7.60 -26.97
CA ASP C 171 -2.53 -7.72 -28.27
C ASP C 171 -1.22 -8.50 -28.23
N SER C 172 -0.83 -9.02 -27.07
CA SER C 172 0.36 -9.88 -26.91
C SER C 172 1.66 -9.20 -27.34
N THR C 173 1.70 -7.87 -27.38
CA THR C 173 2.92 -7.16 -27.72
C THR C 173 3.74 -6.90 -26.46
N TYR C 174 4.97 -6.41 -26.67
CA TYR C 174 5.85 -5.97 -25.61
C TYR C 174 6.07 -4.46 -25.72
N SER C 175 6.47 -3.87 -24.61
CA SER C 175 6.95 -2.50 -24.59
C SER C 175 8.21 -2.45 -23.73
N LEU C 176 9.14 -1.58 -24.12
CA LEU C 176 10.45 -1.52 -23.47
C LEU C 176 10.84 -0.07 -23.26
N SER C 177 11.52 0.19 -22.14
CA SER C 177 12.05 1.51 -21.83
C SER C 177 13.53 1.39 -21.53
N SER C 178 14.34 2.21 -22.19
CA SER C 178 15.77 2.30 -21.91
C SER C 178 16.06 3.69 -21.37
N THR C 179 16.78 3.75 -20.25
CA THR C 179 17.07 5.00 -19.56
C THR C 179 18.58 5.22 -19.51
N LEU C 180 19.02 6.33 -20.09
CA LEU C 180 20.41 6.75 -20.03
C LEU C 180 20.57 7.74 -18.89
N THR C 181 21.50 7.45 -17.98
CA THR C 181 21.71 8.28 -16.80
C THR C 181 23.09 8.93 -16.87
N LEU C 182 23.11 10.26 -16.80
CA LEU C 182 24.34 11.03 -16.85
C LEU C 182 24.31 12.10 -15.77
N SER C 183 25.48 12.59 -15.40
CA SER C 183 25.53 13.75 -14.53
C SER C 183 25.19 15.01 -15.31
N LYS C 184 24.85 16.07 -14.57
CA LYS C 184 24.54 17.35 -15.21
C LYS C 184 25.69 17.82 -16.08
N ALA C 185 26.92 17.74 -15.56
CA ALA C 185 28.07 18.23 -16.30
C ALA C 185 28.31 17.42 -17.57
N ASP C 186 28.26 16.09 -17.46
CA ASP C 186 28.41 15.24 -18.63
C ASP C 186 27.31 15.51 -19.64
N TYR C 187 26.10 15.77 -19.16
CA TYR C 187 24.97 16.01 -20.06
C TYR C 187 25.15 17.31 -20.83
N GLU C 188 25.48 18.39 -20.12
CA GLU C 188 25.51 19.72 -20.72
C GLU C 188 26.75 19.99 -21.57
N LYS C 189 27.64 19.01 -21.74
CA LYS C 189 28.80 19.18 -22.60
C LYS C 189 28.64 18.50 -23.94
N HIS C 190 27.46 17.95 -24.22
CA HIS C 190 27.18 17.28 -25.48
C HIS C 190 25.89 17.83 -26.06
N LYS C 191 25.70 17.63 -27.36
CA LYS C 191 24.59 18.23 -28.10
C LYS C 191 23.55 17.23 -28.55
N VAL C 192 23.95 16.20 -29.30
CA VAL C 192 23.01 15.31 -29.97
C VAL C 192 22.88 14.03 -29.14
N TYR C 193 21.69 13.79 -28.60
CA TYR C 193 21.37 12.56 -27.90
C TYR C 193 20.41 11.76 -28.76
N ALA C 194 20.78 10.51 -29.06
CA ALA C 194 20.04 9.69 -30.01
C ALA C 194 19.80 8.30 -29.45
N CYS C 195 18.67 7.72 -29.83
CA CYS C 195 18.28 6.36 -29.46
C CYS C 195 18.07 5.57 -30.74
N GLU C 196 18.93 4.58 -30.98
CA GLU C 196 18.85 3.76 -32.19
C GLU C 196 18.26 2.40 -31.86
N VAL C 197 17.20 2.03 -32.57
CA VAL C 197 16.43 0.82 -32.30
C VAL C 197 16.52 -0.09 -33.51
N THR C 198 16.84 -1.37 -33.26
CA THR C 198 16.88 -2.39 -34.30
C THR C 198 15.92 -3.50 -33.93
N HIS C 199 14.97 -3.79 -34.82
CA HIS C 199 13.94 -4.80 -34.57
C HIS C 199 13.57 -5.46 -35.89
N GLN C 200 13.08 -6.70 -35.79
CA GLN C 200 12.71 -7.45 -36.99
C GLN C 200 11.63 -6.75 -37.81
N GLY C 201 10.71 -6.06 -37.15
CA GLY C 201 9.66 -5.34 -37.85
C GLY C 201 10.09 -4.06 -38.54
N LEU C 202 11.37 -3.70 -38.45
CA LEU C 202 11.90 -2.49 -39.07
C LEU C 202 12.81 -2.90 -40.22
N SER C 203 12.51 -2.39 -41.43
CA SER C 203 13.39 -2.62 -42.57
C SER C 203 14.78 -2.04 -42.32
N SER C 204 14.86 -0.97 -41.53
CA SER C 204 16.11 -0.29 -41.21
C SER C 204 16.04 0.21 -39.77
N PRO C 205 17.18 0.32 -39.08
CA PRO C 205 17.16 0.80 -37.70
C PRO C 205 16.59 2.20 -37.60
N VAL C 206 15.69 2.39 -36.64
CA VAL C 206 15.06 3.68 -36.40
C VAL C 206 15.84 4.40 -35.31
N THR C 207 16.11 5.69 -35.54
CA THR C 207 16.82 6.54 -34.58
C THR C 207 15.95 7.75 -34.24
N LYS C 208 15.72 7.97 -32.95
CA LYS C 208 15.06 9.16 -32.45
C LYS C 208 16.09 10.00 -31.69
N SER C 209 16.12 11.30 -31.96
CA SER C 209 17.17 12.14 -31.40
C SER C 209 16.65 13.55 -31.19
N PHE C 210 17.27 14.24 -30.22
CA PHE C 210 16.99 15.65 -29.97
C PHE C 210 18.30 16.36 -29.69
N ASN C 211 18.31 17.66 -29.94
CA ASN C 211 19.43 18.51 -29.60
C ASN C 211 19.21 19.09 -28.20
N ARG C 212 20.23 19.00 -27.35
CA ARG C 212 20.14 19.46 -25.96
C ARG C 212 19.72 20.92 -25.90
N GLY C 213 18.50 21.16 -25.42
CA GLY C 213 17.94 22.50 -25.45
C GLY C 213 16.80 22.60 -26.44
N GLU C 214 16.68 23.73 -27.12
CA GLU C 214 15.67 23.94 -28.15
C GLU C 214 14.26 23.70 -27.63
N GLN D 1 -7.35 -28.63 1.56
CA GLN D 1 -6.20 -29.24 0.91
C GLN D 1 -4.90 -28.77 1.55
N VAL D 2 -3.77 -29.16 0.96
CA VAL D 2 -2.46 -28.79 1.47
C VAL D 2 -2.25 -27.29 1.32
N GLN D 3 -1.85 -26.63 2.41
CA GLN D 3 -1.53 -25.21 2.38
C GLN D 3 -0.26 -24.96 3.17
N LEU D 4 0.56 -24.06 2.64
CA LEU D 4 1.76 -23.58 3.31
C LEU D 4 1.72 -22.06 3.27
N VAL D 5 1.92 -21.42 4.43
CA VAL D 5 1.81 -19.97 4.54
C VAL D 5 3.10 -19.45 5.16
N GLU D 6 3.90 -18.73 4.37
CA GLU D 6 5.14 -18.16 4.85
C GLU D 6 4.88 -16.80 5.50
N SER D 7 5.76 -16.43 6.43
CA SER D 7 5.73 -15.12 7.05
C SER D 7 7.13 -14.77 7.49
N GLY D 8 7.34 -13.48 7.75
CA GLY D 8 8.62 -12.97 8.24
C GLY D 8 9.44 -12.21 7.22
N GLY D 9 8.96 -12.04 6.00
CA GLY D 9 9.70 -11.29 5.01
C GLY D 9 9.81 -9.82 5.37
N GLY D 10 10.70 -9.14 4.66
CA GLY D 10 10.90 -7.72 4.89
C GLY D 10 12.26 -7.27 4.39
N VAL D 11 12.61 -6.04 4.76
CA VAL D 11 13.88 -5.43 4.39
C VAL D 11 14.85 -5.62 5.55
N VAL D 12 16.10 -5.91 5.22
CA VAL D 12 17.13 -6.15 6.23
C VAL D 12 18.45 -5.64 5.68
N GLN D 13 19.30 -5.12 6.57
CA GLN D 13 20.59 -4.61 6.15
C GLN D 13 21.58 -5.74 5.95
N PRO D 14 22.55 -5.56 5.04
CA PRO D 14 23.57 -6.61 4.84
C PRO D 14 24.31 -6.91 6.13
N GLY D 15 24.59 -8.19 6.35
CA GLY D 15 25.25 -8.64 7.55
C GLY D 15 24.33 -8.97 8.71
N ARG D 16 23.06 -8.55 8.64
CA ARG D 16 22.11 -8.79 9.72
C ARG D 16 21.38 -10.11 9.48
N SER D 17 20.46 -10.44 10.39
CA SER D 17 19.74 -11.70 10.34
C SER D 17 18.25 -11.49 10.16
N LEU D 18 17.59 -12.50 9.62
CA LEU D 18 16.14 -12.51 9.47
C LEU D 18 15.69 -13.97 9.47
N ARG D 19 14.58 -14.24 10.15
CA ARG D 19 14.06 -15.61 10.23
C ARG D 19 12.69 -15.67 9.57
N LEU D 20 12.55 -16.60 8.64
CA LEU D 20 11.28 -16.87 7.97
C LEU D 20 10.59 -18.06 8.61
N SER D 21 9.26 -18.03 8.62
CA SER D 21 8.45 -19.12 9.13
C SER D 21 7.51 -19.61 8.04
N CYS D 22 7.06 -20.86 8.20
CA CYS D 22 6.12 -21.45 7.26
C CYS D 22 5.23 -22.41 8.03
N VAL D 23 3.92 -22.18 8.00
CA VAL D 23 2.96 -23.00 8.73
C VAL D 23 2.19 -23.84 7.73
N GLY D 24 2.08 -25.13 7.99
CA GLY D 24 1.37 -26.04 7.13
C GLY D 24 -0.01 -26.38 7.68
N SER D 25 -0.92 -26.72 6.77
CA SER D 25 -2.26 -27.14 7.16
C SER D 25 -2.81 -28.07 6.08
N GLY D 26 -3.76 -28.91 6.47
CA GLY D 26 -4.40 -29.80 5.53
C GLY D 26 -3.62 -31.05 5.20
N PHE D 27 -2.60 -31.38 5.99
CA PHE D 27 -1.84 -32.61 5.80
C PHE D 27 -1.04 -32.87 7.06
N THR D 28 -0.47 -34.07 7.15
CA THR D 28 0.35 -34.45 8.30
C THR D 28 1.72 -33.81 8.15
N PHE D 29 1.95 -32.74 8.90
CA PHE D 29 3.15 -31.94 8.73
C PHE D 29 4.42 -32.74 9.04
N ARG D 30 4.36 -33.57 10.08
CA ARG D 30 5.55 -34.29 10.54
C ARG D 30 5.95 -35.45 9.63
N ARG D 31 5.11 -35.81 8.66
CA ARG D 31 5.37 -37.03 7.89
C ARG D 31 6.57 -36.87 6.96
N ASP D 32 6.73 -35.70 6.36
CA ASP D 32 7.65 -35.53 5.23
C ASP D 32 8.66 -34.42 5.49
N ALA D 33 9.71 -34.43 4.68
CA ALA D 33 10.70 -33.37 4.70
C ALA D 33 10.09 -32.04 4.28
N LYS D 34 10.79 -30.95 4.61
CA LYS D 34 10.39 -29.60 4.26
C LYS D 34 11.57 -28.88 3.63
N TYR D 35 11.28 -27.89 2.78
CA TYR D 35 12.30 -27.26 1.96
C TYR D 35 12.05 -25.77 1.83
N TRP D 36 13.11 -25.05 1.49
CA TRP D 36 13.02 -23.67 1.05
C TRP D 36 13.66 -23.55 -0.33
N VAL D 37 12.94 -22.93 -1.26
CA VAL D 37 13.42 -22.65 -2.60
C VAL D 37 13.22 -21.17 -2.84
N ARG D 38 14.22 -20.48 -3.36
CA ARG D 38 14.14 -19.05 -3.53
C ARG D 38 14.23 -18.67 -5.01
N GLN D 39 13.82 -17.44 -5.31
CA GLN D 39 13.83 -16.91 -6.67
C GLN D 39 14.19 -15.43 -6.62
N ALA D 40 15.40 -15.10 -7.04
CA ALA D 40 15.80 -13.70 -7.13
C ALA D 40 14.96 -13.00 -8.20
N PRO D 41 14.79 -11.68 -8.10
CA PRO D 41 13.92 -10.98 -9.06
C PRO D 41 14.41 -11.18 -10.49
N GLY D 42 13.50 -11.64 -11.35
CA GLY D 42 13.81 -11.91 -12.74
C GLY D 42 14.63 -13.15 -13.00
N LYS D 43 14.88 -13.97 -11.99
CA LYS D 43 15.76 -15.13 -12.11
C LYS D 43 14.96 -16.42 -11.96
N GLY D 44 15.67 -17.55 -12.03
CA GLY D 44 15.07 -18.86 -11.89
C GLY D 44 14.99 -19.33 -10.45
N LEU D 45 14.56 -20.57 -10.29
CA LEU D 45 14.40 -21.19 -8.98
C LEU D 45 15.72 -21.76 -8.50
N GLU D 46 16.01 -21.56 -7.21
CA GLU D 46 17.24 -22.05 -6.58
C GLU D 46 16.88 -22.71 -5.26
N TRP D 47 17.07 -24.02 -5.17
CA TRP D 47 16.87 -24.70 -3.89
C TRP D 47 17.88 -24.18 -2.88
N VAL D 48 17.43 -24.02 -1.63
CA VAL D 48 18.24 -23.39 -0.58
C VAL D 48 18.51 -24.36 0.57
N ALA D 49 17.48 -25.02 1.08
CA ALA D 49 17.65 -25.81 2.28
C ALA D 49 16.62 -26.92 2.35
N ALA D 50 16.99 -28.00 3.06
CA ALA D 50 16.13 -29.15 3.25
C ALA D 50 16.28 -29.65 4.68
N ILE D 51 15.21 -30.20 5.23
CA ILE D 51 15.22 -30.80 6.56
C ILE D 51 14.33 -32.02 6.56
N SER D 52 14.80 -33.09 7.20
CA SER D 52 14.06 -34.35 7.21
C SER D 52 12.83 -34.23 8.11
N HIS D 53 12.01 -35.28 8.11
CA HIS D 53 10.70 -35.23 8.77
C HIS D 53 10.82 -34.92 10.25
N ASP D 54 11.84 -35.45 10.91
CA ASP D 54 12.02 -35.26 12.35
C ASP D 54 13.14 -34.28 12.68
N GLY D 55 13.69 -33.60 11.68
CA GLY D 55 14.77 -32.66 11.92
C GLY D 55 16.13 -33.27 12.11
N GLY D 56 16.27 -34.58 11.94
CA GLY D 56 17.56 -35.23 12.14
C GLY D 56 18.56 -34.96 11.04
N GLU D 57 18.09 -34.52 9.86
CA GLU D 57 18.96 -34.26 8.73
C GLU D 57 18.65 -32.88 8.17
N GLU D 58 19.71 -32.14 7.83
CA GLU D 58 19.56 -30.85 7.18
C GLU D 58 20.66 -30.70 6.14
N ASP D 59 20.33 -30.06 5.02
CA ASP D 59 21.29 -29.83 3.96
C ASP D 59 20.99 -28.49 3.29
N TYR D 60 22.00 -27.93 2.65
CA TYR D 60 21.93 -26.56 2.16
C TYR D 60 22.63 -26.46 0.82
N ALA D 61 22.19 -25.51 0.01
CA ALA D 61 22.91 -25.16 -1.20
C ALA D 61 24.26 -24.53 -0.84
N GLU D 62 25.25 -24.74 -1.70
CA GLU D 62 26.58 -24.17 -1.47
C GLU D 62 26.52 -22.65 -1.36
N SER D 63 25.55 -22.01 -2.00
CA SER D 63 25.45 -20.56 -1.99
C SER D 63 25.10 -20.00 -0.61
N VAL D 64 24.54 -20.82 0.29
CA VAL D 64 24.10 -20.35 1.59
C VAL D 64 24.69 -21.14 2.74
N LYS D 65 25.45 -22.19 2.46
CA LYS D 65 26.01 -23.02 3.52
C LYS D 65 26.87 -22.21 4.47
N GLY D 66 26.69 -22.43 5.77
CA GLY D 66 27.37 -21.69 6.80
C GLY D 66 26.64 -20.45 7.28
N ARG D 67 25.69 -19.93 6.51
CA ARG D 67 24.94 -18.74 6.88
C ARG D 67 23.50 -19.00 7.23
N PHE D 68 22.87 -20.01 6.63
CA PHE D 68 21.46 -20.31 6.85
C PHE D 68 21.31 -21.53 7.77
N THR D 69 20.21 -21.55 8.51
CA THR D 69 19.86 -22.70 9.34
C THR D 69 18.38 -23.00 9.18
N ILE D 70 18.06 -24.22 8.78
CA ILE D 70 16.67 -24.66 8.67
C ILE D 70 16.32 -25.49 9.88
N SER D 71 15.13 -25.28 10.42
CA SER D 71 14.65 -26.00 11.59
C SER D 71 13.15 -26.14 11.47
N ARG D 72 12.57 -27.00 12.31
CA ARG D 72 11.14 -27.24 12.27
C ARG D 72 10.62 -27.54 13.67
N ASP D 73 9.35 -27.20 13.89
CA ASP D 73 8.64 -27.50 15.12
C ASP D 73 7.37 -28.23 14.69
N ASN D 74 7.39 -29.56 14.75
CA ASN D 74 6.27 -30.33 14.23
C ASN D 74 5.02 -30.16 15.09
N SER D 75 5.18 -29.93 16.39
CA SER D 75 4.02 -29.71 17.24
C SER D 75 3.27 -28.44 16.85
N ARG D 76 3.96 -27.47 16.25
CA ARG D 76 3.34 -26.25 15.77
C ARG D 76 3.17 -26.24 14.25
N GLU D 77 3.49 -27.36 13.58
CA GLU D 77 3.33 -27.48 12.13
C GLU D 77 4.06 -26.36 11.39
N THR D 78 5.29 -26.08 11.81
CA THR D 78 6.03 -24.93 11.31
C THR D 78 7.46 -25.33 10.98
N VAL D 79 7.96 -24.83 9.85
CA VAL D 79 9.36 -24.94 9.46
C VAL D 79 9.92 -23.53 9.37
N TYR D 80 11.17 -23.36 9.80
CA TYR D 80 11.81 -22.05 9.84
C TYR D 80 13.05 -22.02 8.97
N LEU D 81 13.41 -20.81 8.52
CA LEU D 81 14.68 -20.55 7.87
C LEU D 81 15.30 -19.32 8.53
N GLU D 82 16.35 -19.54 9.32
CA GLU D 82 17.09 -18.45 9.93
C GLU D 82 18.26 -18.09 9.01
N MET D 83 18.27 -16.86 8.54
CA MET D 83 19.26 -16.39 7.57
C MET D 83 20.17 -15.36 8.23
N ASN D 84 21.45 -15.69 8.33
CA ASN D 84 22.44 -14.81 8.93
C ASN D 84 23.43 -14.34 7.88
N SER D 85 24.19 -13.30 8.24
CA SER D 85 25.22 -12.73 7.38
C SER D 85 24.68 -12.48 5.97
N LEU D 86 23.50 -11.88 5.90
CA LEU D 86 22.80 -11.73 4.64
C LEU D 86 23.55 -10.78 3.71
N ARG D 87 23.50 -11.10 2.42
CA ARG D 87 24.17 -10.34 1.38
C ARG D 87 23.15 -9.88 0.35
N PRO D 88 23.46 -8.82 -0.41
CA PRO D 88 22.50 -8.33 -1.42
C PRO D 88 22.02 -9.42 -2.37
N GLU D 89 22.87 -10.38 -2.73
CA GLU D 89 22.46 -11.44 -3.64
C GLU D 89 21.51 -12.45 -3.00
N ASP D 90 21.23 -12.33 -1.70
CA ASP D 90 20.19 -13.13 -1.06
C ASP D 90 18.80 -12.56 -1.25
N THR D 91 18.68 -11.38 -1.86
CA THR D 91 17.37 -10.81 -2.15
C THR D 91 16.59 -11.72 -3.08
N ALA D 92 15.41 -12.15 -2.64
CA ALA D 92 14.61 -13.11 -3.40
C ALA D 92 13.27 -13.31 -2.71
N VAL D 93 12.35 -13.91 -3.45
CA VAL D 93 11.16 -14.50 -2.85
C VAL D 93 11.52 -15.90 -2.40
N TYR D 94 11.25 -16.20 -1.12
CA TYR D 94 11.56 -17.50 -0.55
C TYR D 94 10.28 -18.32 -0.44
N TYR D 95 10.26 -19.47 -1.11
CA TYR D 95 9.11 -20.36 -1.09
C TYR D 95 9.35 -21.53 -0.15
N CYS D 96 8.37 -21.80 0.71
CA CYS D 96 8.31 -23.02 1.50
C CYS D 96 7.73 -24.15 0.65
N ALA D 97 8.22 -25.36 0.86
CA ALA D 97 7.72 -26.49 0.08
C ALA D 97 7.74 -27.77 0.91
N THR D 98 6.85 -28.69 0.55
CA THR D 98 6.77 -30.00 1.18
C THR D 98 6.75 -31.06 0.09
N THR D 99 7.09 -32.28 0.47
CA THR D 99 7.28 -33.38 -0.48
C THR D 99 6.42 -34.57 -0.10
N ARG D 100 6.26 -35.48 -1.05
CA ARG D 100 5.63 -36.76 -0.80
C ARG D 100 6.63 -37.91 -0.68
N SER D 101 7.88 -37.70 -1.12
CA SER D 101 8.87 -38.75 -1.09
C SER D 101 10.27 -38.28 -0.73
N GLY D 102 10.55 -36.98 -0.75
CA GLY D 102 11.88 -36.45 -0.56
C GLY D 102 12.56 -36.04 -1.85
N TRP D 103 12.05 -36.48 -3.00
CA TRP D 103 12.67 -36.21 -4.28
C TRP D 103 12.21 -34.91 -4.92
N TYR D 104 10.92 -34.59 -4.82
CA TYR D 104 10.32 -33.50 -5.58
C TYR D 104 9.55 -32.58 -4.64
N PHE D 105 9.24 -31.38 -5.15
CA PHE D 105 8.54 -30.35 -4.38
C PHE D 105 7.05 -30.42 -4.75
N ASP D 106 6.31 -31.27 -4.03
CA ASP D 106 4.94 -31.59 -4.42
C ASP D 106 3.98 -30.43 -4.19
N TYR D 107 4.20 -29.62 -3.15
CA TYR D 107 3.32 -28.50 -2.83
C TYR D 107 4.16 -27.33 -2.37
N TRP D 108 3.72 -26.11 -2.73
CA TRP D 108 4.49 -24.89 -2.53
C TRP D 108 3.68 -23.87 -1.75
N GLY D 109 4.38 -23.04 -0.98
CA GLY D 109 3.76 -21.92 -0.30
C GLY D 109 3.51 -20.76 -1.26
N GLN D 110 3.19 -19.61 -0.68
CA GLN D 110 2.93 -18.39 -1.43
C GLN D 110 4.16 -17.50 -1.56
N GLY D 111 5.25 -17.81 -0.86
CA GLY D 111 6.46 -17.04 -0.97
C GLY D 111 6.55 -15.88 0.02
N ALA D 112 7.75 -15.60 0.49
CA ALA D 112 8.01 -14.46 1.37
C ALA D 112 9.14 -13.64 0.78
N LEU D 113 8.93 -12.34 0.64
CA LEU D 113 9.90 -11.47 -0.02
C LEU D 113 10.94 -11.01 0.98
N VAL D 114 12.21 -11.25 0.67
CA VAL D 114 13.33 -10.82 1.50
C VAL D 114 14.20 -9.89 0.66
N THR D 115 14.41 -8.67 1.15
CA THR D 115 15.22 -7.67 0.47
C THR D 115 16.38 -7.29 1.36
N VAL D 116 17.60 -7.57 0.91
CA VAL D 116 18.81 -7.27 1.66
C VAL D 116 19.40 -6.00 1.08
N SER D 117 19.44 -4.94 1.88
CA SER D 117 19.88 -3.65 1.37
C SER D 117 20.22 -2.72 2.52
N SER D 118 21.24 -1.90 2.32
CA SER D 118 21.61 -0.87 3.27
C SER D 118 20.88 0.44 3.04
N ALA D 119 19.99 0.50 2.05
CA ALA D 119 19.29 1.74 1.73
C ALA D 119 18.26 2.08 2.80
N SER D 120 18.04 3.37 3.00
CA SER D 120 17.00 3.83 3.89
C SER D 120 15.72 4.11 3.12
N THR D 121 14.60 4.05 3.82
CA THR D 121 13.31 4.34 3.21
C THR D 121 13.30 5.74 2.64
N LYS D 122 12.91 5.85 1.37
CA LYS D 122 12.95 7.14 0.67
C LYS D 122 11.84 7.18 -0.37
N GLY D 123 11.13 8.30 -0.42
CA GLY D 123 10.10 8.51 -1.40
C GLY D 123 10.66 8.95 -2.73
N PRO D 124 9.92 8.72 -3.80
CA PRO D 124 10.43 9.02 -5.14
C PRO D 124 10.27 10.47 -5.52
N SER D 125 11.14 10.91 -6.42
CA SER D 125 10.93 12.14 -7.16
C SER D 125 10.24 11.78 -8.47
N VAL D 126 9.27 12.61 -8.86
CA VAL D 126 8.46 12.33 -10.04
C VAL D 126 8.74 13.41 -11.07
N PHE D 127 9.28 13.01 -12.21
CA PHE D 127 9.61 13.95 -13.26
C PHE D 127 8.76 13.67 -14.49
N PRO D 128 8.37 14.71 -15.22
CA PRO D 128 7.52 14.50 -16.40
C PRO D 128 8.31 13.98 -17.59
N LEU D 129 7.67 13.09 -18.35
CA LEU D 129 8.15 12.67 -19.67
C LEU D 129 7.25 13.40 -20.66
N ALA D 130 7.70 14.56 -21.12
CA ALA D 130 6.83 15.49 -21.83
C ALA D 130 6.61 15.02 -23.28
N PRO D 131 5.37 15.10 -23.76
CA PRO D 131 5.09 14.68 -25.13
C PRO D 131 5.71 15.62 -26.16
N SER D 132 5.87 15.08 -27.37
CA SER D 132 6.43 15.84 -28.47
C SER D 132 5.35 16.20 -29.49
N GLY D 138 3.22 10.72 -36.36
CA GLY D 138 2.41 9.77 -37.10
C GLY D 138 1.01 9.60 -36.53
N GLY D 139 0.51 10.63 -35.86
CA GLY D 139 -0.82 10.62 -35.28
C GLY D 139 -0.86 10.29 -33.81
N THR D 140 0.13 9.59 -33.27
CA THR D 140 0.17 9.20 -31.88
C THR D 140 1.29 9.93 -31.15
N ALA D 141 1.01 10.34 -29.92
CA ALA D 141 1.99 11.00 -29.06
C ALA D 141 2.16 10.22 -27.76
N ALA D 142 3.37 10.25 -27.21
CA ALA D 142 3.70 9.54 -25.98
C ALA D 142 4.10 10.54 -24.91
N LEU D 143 3.61 10.31 -23.69
CA LEU D 143 4.01 11.08 -22.52
C LEU D 143 4.08 10.12 -21.35
N GLY D 144 4.59 10.59 -20.22
CA GLY D 144 4.69 9.71 -19.07
C GLY D 144 5.30 10.40 -17.88
N CYS D 145 5.65 9.59 -16.89
CA CYS D 145 6.26 10.06 -15.66
C CYS D 145 7.43 9.16 -15.29
N LEU D 146 8.55 9.77 -14.91
CA LEU D 146 9.71 9.05 -14.40
C LEU D 146 9.65 9.06 -12.88
N VAL D 147 9.62 7.88 -12.28
CA VAL D 147 9.51 7.71 -10.84
C VAL D 147 10.88 7.23 -10.36
N LYS D 148 11.69 8.16 -9.86
CA LYS D 148 13.12 7.91 -9.69
C LYS D 148 13.52 7.96 -8.22
N ASP D 149 14.44 7.08 -7.84
CA ASP D 149 15.17 7.13 -6.58
C ASP D 149 14.23 6.98 -5.37
N TYR D 150 13.64 5.79 -5.28
CA TYR D 150 12.83 5.44 -4.13
C TYR D 150 13.28 4.10 -3.55
N PHE D 151 12.90 3.87 -2.30
CA PHE D 151 13.21 2.63 -1.60
C PHE D 151 12.31 2.52 -0.38
N PRO D 152 11.77 1.33 -0.09
CA PRO D 152 11.85 0.10 -0.87
C PRO D 152 10.71 0.00 -1.87
N GLU D 153 10.67 -1.09 -2.63
CA GLU D 153 9.50 -1.36 -3.45
C GLU D 153 8.29 -1.64 -2.54
N PRO D 154 7.07 -1.41 -3.04
CA PRO D 154 6.70 -0.95 -4.38
C PRO D 154 6.17 0.48 -4.42
N VAL D 155 6.01 1.00 -5.64
CA VAL D 155 5.18 2.16 -5.88
C VAL D 155 4.04 1.74 -6.80
N THR D 156 2.95 2.50 -6.75
CA THR D 156 1.84 2.33 -7.67
C THR D 156 1.66 3.61 -8.47
N VAL D 157 1.32 3.46 -9.74
CA VAL D 157 1.10 4.59 -10.64
C VAL D 157 -0.25 4.43 -11.31
N SER D 158 -1.06 5.47 -11.23
CA SER D 158 -2.29 5.58 -12.00
C SER D 158 -2.27 6.87 -12.81
N TRP D 159 -3.21 6.98 -13.74
CA TRP D 159 -3.33 8.16 -14.59
C TRP D 159 -4.74 8.73 -14.47
N ASN D 160 -4.83 10.02 -14.18
CA ASN D 160 -6.10 10.70 -13.98
C ASN D 160 -6.93 10.00 -12.91
N SER D 161 -6.27 9.62 -11.81
CA SER D 161 -6.91 8.98 -10.66
C SER D 161 -7.59 7.67 -11.06
N GLY D 162 -7.03 6.97 -12.05
CA GLY D 162 -7.57 5.70 -12.49
C GLY D 162 -8.59 5.78 -13.60
N ALA D 163 -8.95 6.98 -14.05
CA ALA D 163 -9.92 7.10 -15.14
C ALA D 163 -9.32 6.74 -16.49
N LEU D 164 -8.00 6.82 -16.63
CA LEU D 164 -7.32 6.53 -17.90
C LEU D 164 -6.48 5.27 -17.73
N THR D 165 -6.79 4.23 -18.50
CA THR D 165 -6.02 3.00 -18.47
C THR D 165 -5.56 2.61 -19.86
N SER D 166 -6.30 3.04 -20.88
CA SER D 166 -5.96 2.69 -22.26
C SER D 166 -4.63 3.33 -22.65
N GLY D 167 -3.75 2.53 -23.25
CA GLY D 167 -2.45 3.00 -23.69
C GLY D 167 -1.41 3.12 -22.60
N VAL D 168 -1.75 2.79 -21.35
CA VAL D 168 -0.81 2.94 -20.25
C VAL D 168 0.10 1.72 -20.19
N HIS D 169 1.41 1.97 -20.05
CA HIS D 169 2.38 0.93 -19.75
C HIS D 169 3.21 1.41 -18.56
N THR D 170 3.09 0.73 -17.43
CA THR D 170 3.92 1.00 -16.26
C THR D 170 4.98 -0.10 -16.17
N PHE D 171 6.25 0.28 -16.35
CA PHE D 171 7.32 -0.68 -16.47
C PHE D 171 7.75 -1.21 -15.11
N PRO D 172 8.31 -2.42 -15.07
CA PRO D 172 8.89 -2.93 -13.82
C PRO D 172 10.04 -2.03 -13.36
N ALA D 173 10.15 -1.86 -12.04
CA ALA D 173 11.21 -1.05 -11.47
C ALA D 173 12.57 -1.68 -11.73
N VAL D 174 13.60 -0.83 -11.81
CA VAL D 174 14.98 -1.26 -11.91
C VAL D 174 15.71 -0.85 -10.65
N LEU D 175 16.65 -1.69 -10.20
CA LEU D 175 17.50 -1.37 -9.06
C LEU D 175 18.75 -0.66 -9.57
N GLN D 176 18.92 0.59 -9.18
CA GLN D 176 20.05 1.39 -9.62
C GLN D 176 21.29 1.07 -8.77
N SER D 177 22.45 1.54 -9.26
CA SER D 177 23.70 1.29 -8.53
C SER D 177 23.72 1.96 -7.17
N SER D 178 22.87 2.95 -6.94
CA SER D 178 22.76 3.61 -5.64
C SER D 178 22.02 2.77 -4.61
N GLY D 179 21.36 1.69 -5.03
CA GLY D 179 20.47 0.96 -4.16
C GLY D 179 19.04 1.45 -4.18
N LEU D 180 18.74 2.51 -4.94
CA LEU D 180 17.39 3.05 -5.06
C LEU D 180 16.76 2.59 -6.36
N TYR D 181 15.44 2.49 -6.36
CA TYR D 181 14.70 1.99 -7.50
C TYR D 181 14.23 3.13 -8.40
N SER D 182 13.87 2.77 -9.63
CA SER D 182 13.35 3.73 -10.60
C SER D 182 12.51 2.99 -11.63
N LEU D 183 11.44 3.64 -12.08
CA LEU D 183 10.64 3.12 -13.18
C LEU D 183 10.03 4.28 -13.95
N SER D 184 9.54 3.98 -15.15
CA SER D 184 8.76 4.91 -15.93
C SER D 184 7.36 4.35 -16.13
N SER D 185 6.39 5.25 -16.22
CA SER D 185 5.03 4.91 -16.61
C SER D 185 4.67 5.83 -17.77
N VAL D 186 4.25 5.25 -18.88
CA VAL D 186 3.99 6.02 -20.09
C VAL D 186 2.58 5.73 -20.58
N VAL D 187 2.10 6.62 -21.45
CA VAL D 187 0.82 6.43 -22.10
C VAL D 187 0.91 7.08 -23.49
N THR D 188 0.39 6.39 -24.48
CA THR D 188 0.31 6.92 -25.84
C THR D 188 -1.12 7.36 -26.10
N VAL D 189 -1.26 8.58 -26.64
CA VAL D 189 -2.58 9.20 -26.85
C VAL D 189 -2.59 9.79 -28.25
N PRO D 190 -3.78 10.04 -28.80
CA PRO D 190 -3.87 10.79 -30.06
C PRO D 190 -3.23 12.17 -29.94
N SER D 191 -2.50 12.56 -30.99
CA SER D 191 -1.88 13.87 -31.00
C SER D 191 -2.91 14.98 -30.84
N SER D 192 -4.06 14.84 -31.48
CA SER D 192 -5.08 15.88 -31.43
C SER D 192 -5.69 16.04 -30.05
N SER D 193 -5.50 15.07 -29.16
CA SER D 193 -6.05 15.12 -27.81
C SER D 193 -5.12 15.82 -26.82
N LEU D 194 -3.94 16.25 -27.26
CA LEU D 194 -2.97 16.83 -26.33
C LEU D 194 -3.42 18.17 -25.78
N GLY D 195 -4.21 18.93 -26.54
CA GLY D 195 -4.64 20.23 -26.08
C GLY D 195 -6.04 20.22 -25.50
N THR D 196 -6.76 19.12 -25.69
CA THR D 196 -8.13 18.99 -25.24
C THR D 196 -8.27 18.18 -23.95
N GLN D 197 -7.16 17.71 -23.37
CA GLN D 197 -7.26 16.84 -22.20
C GLN D 197 -6.01 16.99 -21.35
N THR D 198 -6.20 16.84 -20.04
CA THR D 198 -5.13 16.83 -19.05
C THR D 198 -4.70 15.40 -18.71
N TYR D 199 -3.41 15.23 -18.47
CA TYR D 199 -2.85 13.94 -18.09
C TYR D 199 -2.04 14.12 -16.81
N ILE D 200 -2.48 13.44 -15.75
CA ILE D 200 -1.85 13.54 -14.43
C ILE D 200 -1.50 12.14 -13.96
N CYS D 201 -0.24 11.94 -13.60
CA CYS D 201 0.18 10.65 -13.06
C CYS D 201 0.15 10.72 -11.54
N ASN D 202 -0.47 9.72 -10.92
CA ASN D 202 -0.61 9.65 -9.47
C ASN D 202 0.35 8.58 -8.97
N VAL D 203 1.39 9.00 -8.28
CA VAL D 203 2.43 8.11 -7.77
C VAL D 203 2.25 8.00 -6.27
N ASN D 204 2.17 6.76 -5.77
CA ASN D 204 2.00 6.50 -4.35
C ASN D 204 3.09 5.56 -3.90
N HIS D 205 3.82 5.94 -2.86
CA HIS D 205 4.87 5.13 -2.24
C HIS D 205 4.51 4.99 -0.77
N LYS D 206 3.83 3.90 -0.45
CA LYS D 206 3.35 3.69 0.91
C LYS D 206 4.47 3.57 1.94
N PRO D 207 5.58 2.88 1.69
CA PRO D 207 6.64 2.80 2.72
C PRO D 207 7.14 4.15 3.23
N SER D 208 7.13 5.19 2.39
CA SER D 208 7.52 6.52 2.81
C SER D 208 6.33 7.45 2.99
N ASN D 209 5.11 6.93 2.85
CA ASN D 209 3.88 7.72 2.94
C ASN D 209 3.93 8.92 1.99
N THR D 210 4.41 8.67 0.77
CA THR D 210 4.56 9.70 -0.25
C THR D 210 3.47 9.53 -1.30
N LYS D 211 2.76 10.62 -1.59
CA LYS D 211 1.81 10.69 -2.68
C LYS D 211 2.17 11.92 -3.51
N VAL D 212 2.35 11.72 -4.82
CA VAL D 212 2.71 12.81 -5.72
C VAL D 212 1.82 12.74 -6.95
N ASP D 213 1.17 13.86 -7.27
CA ASP D 213 0.45 14.03 -8.52
C ASP D 213 1.23 14.99 -9.40
N LYS D 214 1.50 14.57 -10.64
CA LYS D 214 2.30 15.37 -11.57
C LYS D 214 1.52 15.54 -12.86
N LYS D 215 1.21 16.78 -13.22
CA LYS D 215 0.61 17.08 -14.50
C LYS D 215 1.69 17.11 -15.58
N VAL D 216 1.44 16.39 -16.66
CA VAL D 216 2.40 16.27 -17.76
C VAL D 216 1.84 17.02 -18.96
N GLU D 217 2.58 18.03 -19.42
CA GLU D 217 2.17 18.87 -20.52
C GLU D 217 3.40 19.18 -21.37
N PRO D 218 3.20 19.48 -22.65
CA PRO D 218 4.34 19.83 -23.51
C PRO D 218 5.05 21.10 -23.04
N LYS D 219 6.37 21.11 -23.22
CA LYS D 219 7.18 22.25 -22.81
C LYS D 219 7.13 23.35 -23.87
N SER D 220 7.33 24.58 -23.42
CA SER D 220 7.33 25.75 -24.29
C SER D 220 8.40 25.62 -25.38
N ARG E 6 -11.16 49.70 5.45
CA ARG E 6 -9.86 49.41 6.06
C ARG E 6 -9.86 47.99 6.62
N ASP E 7 -9.98 47.02 5.71
CA ASP E 7 -9.88 45.61 6.11
C ASP E 7 -8.41 45.28 6.31
N PRO E 8 -7.98 44.99 7.54
CA PRO E 8 -6.55 44.73 7.77
C PRO E 8 -6.03 43.50 7.03
N TYR E 9 -6.90 42.61 6.56
CA TYR E 9 -6.48 41.40 5.86
C TYR E 9 -6.95 41.36 4.41
N SER E 10 -7.30 42.51 3.84
CA SER E 10 -7.64 42.58 2.43
C SER E 10 -6.36 42.53 1.59
N SER E 12 -3.28 43.12 -1.30
CA SER E 12 -2.48 44.27 -1.68
C SER E 12 -3.01 44.91 -2.97
N GLN E 13 -2.87 46.23 -3.07
CA GLN E 13 -3.31 46.96 -4.25
C GLN E 13 -2.13 47.58 -4.98
N ARG F 6 17.25 -45.75 4.04
CA ARG F 6 18.51 -45.36 3.44
C ARG F 6 18.50 -43.94 2.89
N ASP F 7 17.36 -43.50 2.39
CA ASP F 7 17.20 -42.13 1.93
C ASP F 7 17.04 -41.23 3.14
N PRO F 8 18.00 -40.34 3.41
CA PRO F 8 17.89 -39.48 4.61
C PRO F 8 16.69 -38.55 4.58
N TYR F 9 16.06 -38.35 3.42
CA TYR F 9 14.91 -37.46 3.30
C TYR F 9 13.65 -38.21 2.88
N SER F 10 13.61 -39.52 3.07
CA SER F 10 12.39 -40.28 2.82
C SER F 10 11.41 -40.03 3.96
N SER F 12 8.42 -40.47 7.01
CA SER F 12 8.36 -41.25 8.24
C SER F 12 7.44 -42.45 8.10
N GLN F 13 7.43 -43.30 9.14
CA GLN F 13 6.60 -44.50 9.21
C GLN F 13 6.87 -45.43 8.03
#